data_6PPP
#
_entry.id   6PPP
#
_cell.length_a   70.260
_cell.length_b   139.690
_cell.length_c   153.920
_cell.angle_alpha   90.000
_cell.angle_beta   90.000
_cell.angle_gamma   90.000
#
_symmetry.space_group_name_H-M   'P 2 21 21'
#
loop_
_entity.id
_entity.type
_entity.pdbx_description
1 polymer 'Mimic of processed U6 snRNA'
2 polymer 'U6 snRNA-associated Sm-like protein LSm2'
3 polymer 'Probable U6 snRNA-associated Sm-like protein LSm3'
4 polymer 'Probable U6 snRNA-associated Sm-like protein LSm4'
5 polymer 'U6 snRNA-associated Sm-like protein LSm5'
6 polymer 'U6 snRNA-associated Sm-like protein LSm6'
7 polymer 'U6 snRNA-associated Sm-like protein LSm7'
8 polymer 'U6 snRNA-associated Sm-like protein LSm8'
9 water water
#
loop_
_entity_poly.entity_id
_entity_poly.type
_entity_poly.pdbx_seq_one_letter_code
_entity_poly.pdbx_strand_id
1 'polyribonucleotide' UUUUUA A,I
2 'polypeptide(L)'
;MLFYSFFKTLIDTEVTVELKNDMSIRGILKSVDQFLNVKLENISVVDASKYPHMAAVKDLFIRGSVVRYVHMSSAYVDTI
LLADACRRDLANNKRQ
;
B,J
3 'polypeptide(L)'
;GSMESAQAVAEPLDLVRLSLDEIVYVKLRGDRELNGRLHAYDEHLNMVLGDAEEIVTIFDDEETDKDKALKTIRKHYEML
FVRGDSVILIAPPRN
;
C,K
4 'polypeptide(L)'
;MLPLTLLNATQGRPILVELKNGETFNGHLENCDNYMNLTLREVIRTMPDGDKFFRLPECYIRGNNIKYLRIQDEVLSQVA
KQQAQQRENRGSRFRGRGQRGRGNYGHTAPNRRGRGRGGHMWSHPQFEK
;
D,L
5 'polypeptide(L)' MSMTILPLELIDKCIGSNLWVIMKSEREFAGTLVGFDDYVNIVLKDVTEYDTVTGVTEKHSEMLLNGNGMCMLIPGGKPE E,M
6 'polypeptide(L)' GSMDSSPNEFLNKVIGKKVLIRLSSGVDYKGILSCLDGYMNLALERTEEYVNGKKTNVYGDAFIRGNNVLYVSALDD F,N
7 'polypeptide(L)'
;MSSLQKRPGPGNSSQPTERPRKESILDLSRYQDQRIQATFTGGRQITGILKGFDQLMNLVLDDVEEQLRNPEDGKLTGAI
RKLGLVVVRGTTLVLIAPMDGSEEIPNPFVQAEHHHHHH
;
G,O
8 'polypeptide(L)'
;MSLADFMEQRVQVITNDGRVVLGSLKGFDHTTNLILSDSFERIISMDQDMETIPLGVYLLRGENVAMVGLVNEELDSEIE
WTKIRGEAIPDVVH
;
H,P
#
loop_
_chem_comp.id
_chem_comp.type
_chem_comp.name
_chem_comp.formula
A RNA linking ADENOSINE-5'-MONOPHOSPHATE 'C10 H14 N5 O7 P'
U RNA linking URIDINE-5'-MONOPHOSPHATE 'C9 H13 N2 O9 P'
#
# COMPACT_ATOMS: atom_id res chain seq x y z
N MET B 1 -33.42 -9.59 -12.22
CA MET B 1 -33.57 -8.20 -12.61
C MET B 1 -33.44 -7.25 -11.41
N LEU B 2 -33.36 -7.82 -10.21
CA LEU B 2 -33.35 -7.01 -8.99
C LEU B 2 -32.16 -6.04 -8.94
N PHE B 3 -30.95 -6.52 -9.16
CA PHE B 3 -29.86 -5.56 -8.98
C PHE B 3 -29.66 -4.67 -10.19
N TYR B 4 -30.01 -5.17 -11.38
CA TYR B 4 -30.10 -4.33 -12.57
C TYR B 4 -31.10 -3.18 -12.38
N SER B 5 -32.29 -3.46 -11.82
CA SER B 5 -33.24 -2.35 -11.57
C SER B 5 -32.66 -1.35 -10.57
N PHE B 6 -32.04 -1.86 -9.52
CA PHE B 6 -31.41 -0.97 -8.53
C PHE B 6 -30.34 -0.09 -9.18
N PHE B 7 -29.47 -0.70 -9.97
CA PHE B 7 -28.41 0.06 -10.60
C PHE B 7 -29.00 1.06 -11.54
N LYS B 8 -30.12 0.73 -12.17
CA LYS B 8 -30.72 1.77 -12.97
C LYS B 8 -31.05 2.96 -12.08
N THR B 9 -31.54 2.71 -10.84
CA THR B 9 -31.82 3.89 -9.99
C THR B 9 -30.58 4.64 -9.53
N LEU B 10 -29.39 4.06 -9.62
CA LEU B 10 -28.27 4.85 -9.17
C LEU B 10 -27.65 5.64 -10.33
N ILE B 11 -28.23 5.48 -11.54
CA ILE B 11 -27.77 6.22 -12.71
C ILE B 11 -27.85 7.71 -12.41
N ASP B 12 -26.85 8.45 -12.89
CA ASP B 12 -26.63 9.88 -12.71
C ASP B 12 -26.01 10.16 -11.33
N THR B 13 -25.73 9.15 -10.51
CA THR B 13 -25.09 9.31 -9.21
C THR B 13 -23.70 8.72 -9.30
N GLU B 14 -22.83 9.14 -8.36
CA GLU B 14 -21.44 8.71 -8.36
C GLU B 14 -21.24 7.34 -7.71
N VAL B 15 -20.54 6.43 -8.43
CA VAL B 15 -20.18 5.14 -7.88
C VAL B 15 -18.69 4.94 -8.04
N THR B 16 -18.16 3.96 -7.32
CA THR B 16 -16.79 3.49 -7.47
C THR B 16 -16.84 1.99 -7.69
N VAL B 17 -16.27 1.52 -8.79
CA VAL B 17 -16.28 0.12 -9.16
C VAL B 17 -14.93 -0.45 -8.85
N GLU B 18 -14.87 -1.42 -7.96
CA GLU B 18 -13.59 -2.10 -7.71
C GLU B 18 -13.58 -3.38 -8.54
N LEU B 19 -12.52 -3.61 -9.30
CA LEU B 19 -12.49 -4.72 -10.23
C LEU B 19 -11.72 -5.91 -9.71
N LYS B 20 -11.91 -7.06 -10.38
CA LYS B 20 -11.17 -8.22 -9.89
C LYS B 20 -9.70 -8.15 -10.22
N ASN B 21 -9.23 -7.10 -10.89
CA ASN B 21 -7.79 -6.88 -11.00
C ASN B 21 -7.29 -5.83 -9.99
N ASP B 22 -8.09 -5.51 -8.98
CA ASP B 22 -7.77 -4.65 -7.83
C ASP B 22 -7.72 -3.16 -8.14
N MET B 23 -7.91 -2.75 -9.39
CA MET B 23 -8.19 -1.35 -9.72
C MET B 23 -9.58 -0.96 -9.24
N SER B 24 -9.73 0.31 -8.84
CA SER B 24 -11.06 0.85 -8.49
C SER B 24 -11.22 2.08 -9.38
N ILE B 25 -12.38 2.25 -9.98
CA ILE B 25 -12.64 3.35 -10.90
C ILE B 25 -13.88 4.12 -10.44
N ARG B 26 -13.72 5.45 -10.25
CA ARG B 26 -14.82 6.32 -9.82
C ARG B 26 -15.45 7.11 -10.96
N GLY B 27 -16.77 7.24 -10.95
CA GLY B 27 -17.41 8.00 -12.01
C GLY B 27 -18.92 8.03 -11.84
N ILE B 28 -19.58 8.79 -12.74
CA ILE B 28 -21.03 8.90 -12.75
C ILE B 28 -21.59 7.72 -13.51
N LEU B 29 -22.43 6.93 -12.87
CA LEU B 29 -23.09 5.84 -13.57
C LEU B 29 -24.01 6.39 -14.65
N LYS B 30 -23.77 6.01 -15.90
CA LYS B 30 -24.65 6.44 -16.97
C LYS B 30 -25.51 5.30 -17.54
N SER B 31 -25.09 4.04 -17.37
CA SER B 31 -25.81 2.91 -17.96
C SER B 31 -25.44 1.64 -17.19
N VAL B 32 -26.33 0.66 -17.21
CA VAL B 32 -26.14 -0.67 -16.62
C VAL B 32 -27.03 -1.61 -17.43
N ASP B 33 -26.61 -2.85 -17.61
CA ASP B 33 -27.53 -3.74 -18.35
C ASP B 33 -27.83 -5.06 -17.66
N GLN B 34 -28.52 -5.95 -18.39
CA GLN B 34 -29.00 -7.17 -17.76
C GLN B 34 -27.87 -8.02 -17.24
N PHE B 35 -26.67 -7.95 -17.85
CA PHE B 35 -25.48 -8.68 -17.39
C PHE B 35 -24.77 -7.93 -16.29
N LEU B 36 -25.29 -6.75 -15.92
CA LEU B 36 -24.60 -5.81 -15.03
C LEU B 36 -23.29 -5.28 -15.65
N ASN B 37 -23.12 -5.32 -17.00
CA ASN B 37 -22.16 -4.41 -17.63
C ASN B 37 -22.47 -2.98 -17.19
N VAL B 38 -21.45 -2.16 -17.03
CA VAL B 38 -21.72 -0.84 -16.47
C VAL B 38 -20.95 0.22 -17.26
N LYS B 39 -21.56 1.38 -17.48
CA LYS B 39 -20.86 2.50 -18.13
C LYS B 39 -20.75 3.68 -17.19
N LEU B 40 -19.54 4.16 -16.99
CA LEU B 40 -19.25 5.28 -16.12
C LEU B 40 -18.79 6.46 -16.99
N GLU B 41 -19.14 7.66 -16.59
CA GLU B 41 -18.71 8.84 -17.32
C GLU B 41 -17.88 9.70 -16.38
N ASN B 42 -16.95 10.46 -16.97
CA ASN B 42 -15.97 11.27 -16.25
C ASN B 42 -15.25 10.47 -15.17
N ILE B 43 -14.65 9.34 -15.58
CA ILE B 43 -14.01 8.50 -14.58
C ILE B 43 -12.74 9.19 -14.13
N SER B 44 -12.31 8.85 -12.91
CA SER B 44 -10.95 9.09 -12.48
C SER B 44 -10.52 7.82 -11.75
N VAL B 45 -9.44 7.20 -12.22
CA VAL B 45 -8.88 6.01 -11.59
C VAL B 45 -8.40 6.36 -10.20
N VAL B 46 -8.75 5.52 -9.21
CA VAL B 46 -8.48 5.87 -7.81
C VAL B 46 -6.98 6.11 -7.55
N ASP B 47 -6.12 5.23 -8.04
CA ASP B 47 -4.70 5.37 -7.75
C ASP B 47 -3.99 5.79 -9.04
N ALA B 48 -4.22 7.03 -9.43
CA ALA B 48 -3.91 7.41 -10.80
C ALA B 48 -2.41 7.39 -11.04
N SER B 49 -1.60 7.57 -10.00
CA SER B 49 -0.15 7.50 -10.20
C SER B 49 0.36 6.09 -10.44
N LYS B 50 -0.33 5.08 -9.88
CA LYS B 50 0.01 3.72 -10.29
C LYS B 50 -0.34 3.50 -11.75
N TYR B 51 -1.50 3.99 -12.15
CA TYR B 51 -2.09 3.71 -13.45
C TYR B 51 -2.42 4.92 -14.29
N PRO B 52 -1.43 5.51 -14.98
CA PRO B 52 -1.70 6.63 -15.89
C PRO B 52 -2.29 6.20 -17.23
N HIS B 53 -2.58 4.89 -17.43
CA HIS B 53 -2.97 4.40 -18.76
C HIS B 53 -4.26 5.03 -19.20
N MET B 54 -5.07 5.44 -18.25
CA MET B 54 -6.40 5.92 -18.56
C MET B 54 -6.45 7.42 -18.38
N ALA B 55 -5.28 8.07 -18.52
CA ALA B 55 -5.22 9.51 -18.37
C ALA B 55 -6.01 10.26 -19.43
N ALA B 56 -6.29 9.63 -20.57
CA ALA B 56 -7.03 10.27 -21.64
C ALA B 56 -8.45 9.77 -21.79
N VAL B 57 -8.91 8.92 -20.88
CA VAL B 57 -10.25 8.31 -20.97
C VAL B 57 -11.17 9.03 -19.99
N LYS B 58 -12.28 9.55 -20.53
CA LYS B 58 -13.37 10.11 -19.73
C LYS B 58 -14.59 9.21 -19.70
N ASP B 59 -14.97 8.55 -20.78
CA ASP B 59 -16.12 7.64 -20.74
C ASP B 59 -15.59 6.21 -20.81
N LEU B 60 -16.16 5.33 -19.98
CA LEU B 60 -15.54 4.03 -19.74
C LEU B 60 -16.61 2.95 -19.57
N PHE B 61 -16.45 1.85 -20.28
CA PHE B 61 -17.26 0.64 -20.11
C PHE B 61 -16.50 -0.38 -19.29
N ILE B 62 -17.16 -0.95 -18.27
CA ILE B 62 -16.59 -2.01 -17.42
C ILE B 62 -17.46 -3.23 -17.59
N ARG B 63 -16.84 -4.38 -17.88
CA ARG B 63 -17.60 -5.61 -18.10
C ARG B 63 -18.14 -6.17 -16.78
N GLY B 64 -19.39 -6.64 -16.78
CA GLY B 64 -19.97 -7.02 -15.50
C GLY B 64 -19.24 -8.13 -14.78
N SER B 65 -18.60 -9.06 -15.51
CA SER B 65 -17.93 -10.22 -14.89
C SER B 65 -16.65 -9.86 -14.15
N VAL B 66 -16.12 -8.65 -14.37
CA VAL B 66 -14.88 -8.23 -13.77
C VAL B 66 -15.10 -7.33 -12.53
N VAL B 67 -16.36 -6.96 -12.20
CA VAL B 67 -16.62 -6.22 -10.95
C VAL B 67 -16.49 -7.12 -9.72
N ARG B 68 -15.76 -6.66 -8.71
CA ARG B 68 -15.81 -7.20 -7.35
C ARG B 68 -16.85 -6.47 -6.52
N TYR B 69 -16.76 -5.15 -6.46
CA TYR B 69 -17.71 -4.33 -5.72
C TYR B 69 -18.14 -3.21 -6.62
N VAL B 70 -19.35 -2.69 -6.38
CA VAL B 70 -19.65 -1.32 -6.79
C VAL B 70 -20.03 -0.74 -5.45
N HIS B 71 -19.31 0.30 -5.00
CA HIS B 71 -19.71 0.91 -3.72
C HIS B 71 -20.03 2.38 -3.93
N MET B 72 -20.98 2.84 -3.12
CA MET B 72 -21.68 4.09 -3.40
C MET B 72 -22.14 4.66 -2.07
N SER B 73 -22.45 5.95 -2.07
CA SER B 73 -22.96 6.64 -0.88
C SER B 73 -24.35 6.11 -0.60
N SER B 74 -24.66 5.91 0.70
CA SER B 74 -26.01 5.52 1.13
C SER B 74 -27.08 6.57 0.82
N ALA B 75 -26.69 7.80 0.49
CA ALA B 75 -27.67 8.85 0.32
C ALA B 75 -28.61 8.60 -0.86
N TYR B 76 -28.22 7.84 -1.87
CA TYR B 76 -29.10 7.62 -3.01
C TYR B 76 -29.74 6.21 -2.98
N VAL B 77 -29.62 5.50 -1.86
CA VAL B 77 -30.14 4.13 -1.69
C VAL B 77 -31.14 4.14 -0.55
N ASP B 78 -32.38 3.71 -0.84
CA ASP B 78 -33.41 3.44 0.17
C ASP B 78 -33.34 1.97 0.56
N THR B 79 -32.82 1.67 1.76
CA THR B 79 -32.62 0.24 2.04
C THR B 79 -33.88 -0.56 2.38
N ILE B 80 -34.93 0.02 2.92
CA ILE B 80 -36.19 -0.72 3.04
C ILE B 80 -36.80 -1.03 1.68
N LEU B 81 -36.88 -0.04 0.79
CA LEU B 81 -37.52 -0.33 -0.49
C LEU B 81 -36.69 -1.35 -1.23
N LEU B 82 -35.38 -1.30 -1.07
CA LEU B 82 -34.53 -2.28 -1.72
C LEU B 82 -34.82 -3.66 -1.14
N ALA B 83 -34.91 -3.76 0.19
CA ALA B 83 -35.17 -5.03 0.83
C ALA B 83 -36.55 -5.57 0.44
N ASP B 84 -37.56 -4.71 0.39
CA ASP B 84 -38.91 -5.11 -0.05
C ASP B 84 -38.88 -5.61 -1.47
N ALA B 85 -38.16 -4.89 -2.35
CA ALA B 85 -38.05 -5.33 -3.74
C ALA B 85 -37.42 -6.70 -3.81
N CYS B 86 -36.43 -6.94 -2.96
CA CYS B 86 -35.79 -8.24 -2.91
C CYS B 86 -36.74 -9.33 -2.44
N ARG B 87 -37.50 -9.04 -1.38
CA ARG B 87 -38.46 -10.04 -0.90
C ARG B 87 -39.46 -10.35 -1.99
N ARG B 88 -39.84 -9.35 -2.75
CA ARG B 88 -40.82 -9.57 -3.79
C ARG B 88 -40.17 -10.26 -4.98
N ASP B 89 -38.86 -10.11 -5.15
CA ASP B 89 -38.15 -10.76 -6.24
C ASP B 89 -38.04 -12.25 -5.97
N LEU B 90 -37.64 -12.62 -4.76
CA LEU B 90 -37.53 -14.02 -4.42
C LEU B 90 -38.89 -14.67 -4.22
N ALA B 91 -39.93 -13.90 -3.92
CA ALA B 91 -41.28 -14.46 -3.97
C ALA B 91 -41.70 -14.75 -5.42
N ASN B 92 -41.43 -13.81 -6.34
CA ASN B 92 -41.78 -14.00 -7.75
C ASN B 92 -41.11 -15.24 -8.35
N ASN B 93 -39.77 -15.33 -8.25
CA ASN B 93 -39.10 -16.46 -8.91
C ASN B 93 -39.30 -17.80 -8.19
N LYS B 94 -39.72 -17.78 -6.92
CA LYS B 94 -40.02 -19.01 -6.19
C LYS B 94 -40.94 -19.96 -6.97
N GLU C 11 -33.45 -24.86 -1.57
CA GLU C 11 -33.52 -24.68 -0.12
C GLU C 11 -32.23 -24.20 0.63
N PRO C 12 -30.99 -24.50 0.16
CA PRO C 12 -29.81 -23.91 0.85
C PRO C 12 -29.90 -22.41 1.03
N LEU C 13 -30.37 -21.71 -0.01
CA LEU C 13 -30.47 -20.25 0.03
C LEU C 13 -31.44 -19.76 1.10
N ASP C 14 -32.32 -20.61 1.60
CA ASP C 14 -33.21 -20.16 2.65
C ASP C 14 -32.41 -19.69 3.86
N LEU C 15 -31.25 -20.30 4.09
CA LEU C 15 -30.40 -19.81 5.17
C LEU C 15 -30.11 -18.31 5.01
N VAL C 16 -29.64 -17.90 3.83
CA VAL C 16 -29.34 -16.48 3.66
C VAL C 16 -30.63 -15.69 3.59
N ARG C 17 -31.73 -16.33 3.19
CA ARG C 17 -33.02 -15.63 3.20
C ARG C 17 -33.35 -15.15 4.60
N LEU C 18 -32.98 -15.94 5.62
CA LEU C 18 -33.27 -15.57 7.00
C LEU C 18 -32.42 -14.42 7.51
N SER C 19 -31.39 -14.04 6.78
CA SER C 19 -30.49 -12.99 7.21
C SER C 19 -30.86 -11.63 6.64
N LEU C 20 -31.91 -11.55 5.82
CA LEU C 20 -32.29 -10.26 5.27
C LEU C 20 -32.55 -9.26 6.40
N ASP C 21 -31.90 -8.09 6.29
CA ASP C 21 -31.85 -6.96 7.23
C ASP C 21 -31.07 -7.27 8.50
N GLU C 22 -30.38 -8.40 8.56
CA GLU C 22 -29.50 -8.73 9.67
C GLU C 22 -28.04 -8.66 9.21
N ILE C 23 -27.14 -8.54 10.18
CA ILE C 23 -25.70 -8.54 9.93
C ILE C 23 -25.20 -9.92 9.51
N VAL C 24 -24.42 -9.96 8.41
CA VAL C 24 -23.74 -11.18 7.94
C VAL C 24 -22.24 -10.98 7.86
N TYR C 25 -21.54 -12.13 7.94
CA TYR C 25 -20.13 -12.28 7.58
C TYR C 25 -20.11 -12.94 6.20
N VAL C 26 -19.28 -12.40 5.32
CA VAL C 26 -19.13 -12.92 3.97
C VAL C 26 -17.64 -13.16 3.80
N LYS C 27 -17.29 -14.38 3.38
CA LYS C 27 -15.91 -14.72 3.06
C LYS C 27 -15.85 -14.76 1.55
N LEU C 28 -14.87 -14.07 0.98
CA LEU C 28 -14.76 -13.85 -0.44
C LEU C 28 -13.46 -14.47 -0.95
N ARG C 29 -13.43 -14.77 -2.24
CA ARG C 29 -12.17 -15.15 -2.84
C ARG C 29 -11.16 -14.02 -2.69
N GLY C 30 -9.88 -14.39 -2.64
CA GLY C 30 -8.82 -13.42 -2.53
C GLY C 30 -8.51 -12.96 -1.13
N ASP C 31 -8.82 -13.76 -0.12
CA ASP C 31 -8.50 -13.40 1.26
C ASP C 31 -9.13 -12.06 1.66
N ARG C 32 -10.43 -11.93 1.41
CA ARG C 32 -11.22 -10.76 1.76
C ARG C 32 -12.43 -11.19 2.57
N GLU C 33 -12.80 -10.33 3.50
CA GLU C 33 -13.95 -10.64 4.34
C GLU C 33 -14.75 -9.38 4.51
N LEU C 34 -16.05 -9.54 4.60
CA LEU C 34 -16.96 -8.43 4.79
C LEU C 34 -17.87 -8.72 5.98
N ASN C 35 -18.18 -7.68 6.75
CA ASN C 35 -19.25 -7.74 7.75
C ASN C 35 -20.18 -6.59 7.43
N GLY C 36 -21.45 -6.89 7.21
CA GLY C 36 -22.36 -5.81 6.90
C GLY C 36 -23.78 -6.28 7.03
N ARG C 37 -24.69 -5.35 6.82
CA ARG C 37 -26.10 -5.65 6.94
C ARG C 37 -26.62 -5.98 5.55
N LEU C 38 -27.16 -7.19 5.41
CA LEU C 38 -27.61 -7.68 4.11
C LEU C 38 -28.93 -7.01 3.78
N HIS C 39 -28.96 -6.15 2.77
CA HIS C 39 -30.22 -5.54 2.41
C HIS C 39 -30.91 -6.16 1.20
N ALA C 40 -30.17 -6.91 0.38
CA ALA C 40 -30.68 -7.54 -0.84
C ALA C 40 -29.68 -8.56 -1.34
N TYR C 41 -30.21 -9.57 -2.02
CA TYR C 41 -29.40 -10.57 -2.70
C TYR C 41 -30.22 -11.16 -3.83
N ASP C 42 -29.54 -11.89 -4.72
CA ASP C 42 -30.27 -12.68 -5.71
C ASP C 42 -29.73 -14.11 -5.77
N GLU C 43 -30.17 -14.85 -6.79
CA GLU C 43 -29.81 -16.26 -6.89
C GLU C 43 -28.32 -16.48 -7.21
N HIS C 44 -27.55 -15.46 -7.61
CA HIS C 44 -26.09 -15.61 -7.73
C HIS C 44 -25.41 -15.27 -6.42
N LEU C 45 -26.18 -14.81 -5.45
CA LEU C 45 -25.63 -14.15 -4.28
C LEU C 45 -24.94 -12.82 -4.62
N ASN C 46 -25.25 -12.18 -5.72
CA ASN C 46 -25.01 -10.74 -5.73
C ASN C 46 -25.66 -10.18 -4.47
N MET C 47 -25.03 -9.19 -3.85
CA MET C 47 -25.60 -8.66 -2.62
C MET C 47 -25.37 -7.16 -2.53
N VAL C 48 -26.22 -6.49 -1.77
CA VAL C 48 -25.92 -5.14 -1.34
C VAL C 48 -25.83 -5.21 0.14
N LEU C 49 -24.69 -4.81 0.68
CA LEU C 49 -24.50 -4.76 2.12
C LEU C 49 -24.40 -3.29 2.53
N GLY C 50 -25.07 -2.96 3.62
CA GLY C 50 -25.01 -1.63 4.21
C GLY C 50 -24.09 -1.61 5.39
N ASP C 51 -23.45 -0.47 5.59
CA ASP C 51 -22.59 -0.28 6.77
C ASP C 51 -21.59 -1.43 6.87
N ALA C 52 -20.84 -1.59 5.78
CA ALA C 52 -19.95 -2.73 5.60
C ALA C 52 -18.53 -2.38 6.01
N GLU C 53 -17.84 -3.35 6.60
CA GLU C 53 -16.40 -3.30 6.88
C GLU C 53 -15.74 -4.37 6.02
N GLU C 54 -14.65 -4.03 5.33
CA GLU C 54 -13.87 -4.99 4.56
C GLU C 54 -12.56 -5.23 5.27
N ILE C 55 -12.17 -6.49 5.36
CA ILE C 55 -10.87 -6.89 5.89
C ILE C 55 -10.12 -7.60 4.77
N VAL C 56 -8.96 -7.09 4.43
CA VAL C 56 -8.12 -7.72 3.43
C VAL C 56 -6.90 -8.27 4.11
N THR C 57 -6.63 -9.57 3.93
CA THR C 57 -5.45 -10.15 4.52
C THR C 57 -4.38 -10.22 3.45
N ILE C 58 -3.22 -9.66 3.74
CA ILE C 58 -2.09 -9.55 2.83
C ILE C 58 -0.97 -10.48 3.29
N PHE C 59 -0.49 -11.29 2.34
CA PHE C 59 0.63 -12.20 2.51
C PHE C 59 1.91 -11.74 1.77
N LYS C 68 1.93 -17.51 6.91
CA LYS C 68 1.71 -16.38 7.84
C LYS C 68 1.42 -15.06 7.13
N ALA C 69 0.35 -14.38 7.57
CA ALA C 69 -0.06 -13.12 6.96
C ALA C 69 0.92 -12.02 7.30
N LEU C 70 1.11 -11.11 6.37
CA LEU C 70 1.94 -9.94 6.64
C LEU C 70 1.17 -8.77 7.25
N LYS C 71 -0.10 -8.60 6.88
CA LYS C 71 -0.89 -7.54 7.50
C LYS C 71 -2.32 -7.66 7.03
N THR C 72 -3.21 -6.89 7.66
CA THR C 72 -4.60 -6.80 7.17
C THR C 72 -4.96 -5.33 7.03
N ILE C 73 -5.83 -5.04 6.08
CA ILE C 73 -6.22 -3.67 5.77
C ILE C 73 -7.72 -3.63 5.93
N ARG C 74 -8.21 -2.76 6.79
CA ARG C 74 -9.66 -2.63 6.99
C ARG C 74 -10.14 -1.34 6.40
N LYS C 75 -11.24 -1.43 5.67
CA LYS C 75 -11.89 -0.29 5.07
C LYS C 75 -13.37 -0.36 5.42
N HIS C 76 -14.02 0.80 5.51
CA HIS C 76 -15.46 0.89 5.74
C HIS C 76 -16.17 1.41 4.49
N TYR C 77 -17.35 0.88 4.18
CA TYR C 77 -18.16 1.31 3.05
C TYR C 77 -19.56 1.59 3.55
N GLU C 78 -20.07 2.80 3.27
CA GLU C 78 -21.44 3.10 3.68
C GLU C 78 -22.42 2.13 3.09
N MET C 79 -22.30 1.89 1.77
CA MET C 79 -23.14 0.95 1.02
C MET C 79 -22.24 0.28 -0.01
N LEU C 80 -22.40 -1.02 -0.24
CA LEU C 80 -21.45 -1.80 -1.05
C LEU C 80 -22.15 -2.94 -1.76
N PHE C 81 -22.21 -2.95 -3.09
CA PHE C 81 -22.64 -4.14 -3.82
C PHE C 81 -21.48 -5.12 -4.00
N VAL C 82 -21.71 -6.41 -3.71
CA VAL C 82 -20.69 -7.48 -3.83
C VAL C 82 -21.18 -8.46 -4.88
N ARG C 83 -20.36 -8.68 -5.90
CA ARG C 83 -20.70 -9.65 -6.93
C ARG C 83 -20.63 -11.09 -6.44
N GLY C 84 -21.62 -11.89 -6.84
CA GLY C 84 -21.75 -13.18 -6.21
C GLY C 84 -20.61 -14.14 -6.53
N ASP C 85 -19.98 -14.04 -7.72
CA ASP C 85 -19.00 -15.08 -8.07
C ASP C 85 -17.71 -15.04 -7.25
N SER C 86 -17.43 -13.98 -6.49
CA SER C 86 -16.30 -13.99 -5.56
C SER C 86 -16.69 -14.58 -4.20
N VAL C 87 -17.97 -14.79 -3.94
CA VAL C 87 -18.40 -15.15 -2.60
C VAL C 87 -18.06 -16.63 -2.41
N ILE C 88 -17.41 -16.93 -1.29
CA ILE C 88 -17.16 -18.28 -0.84
C ILE C 88 -18.18 -18.73 0.18
N LEU C 89 -18.37 -17.96 1.25
CA LEU C 89 -19.39 -18.42 2.21
C LEU C 89 -20.01 -17.25 2.96
N ILE C 90 -21.19 -17.50 3.49
CA ILE C 90 -21.97 -16.50 4.21
C ILE C 90 -22.43 -17.09 5.52
N ALA C 91 -22.23 -16.36 6.61
CA ALA C 91 -22.53 -16.94 7.91
C ALA C 91 -23.00 -15.84 8.83
N PRO C 92 -23.62 -16.18 9.96
CA PRO C 92 -23.82 -15.20 11.02
C PRO C 92 -22.49 -14.69 11.54
N PRO C 93 -22.45 -13.46 12.08
CA PRO C 93 -21.25 -12.78 12.59
C PRO C 93 -20.65 -13.32 13.91
N MET D 1 -20.32 -3.77 -37.06
CA MET D 1 -20.01 -5.04 -37.71
C MET D 1 -19.95 -6.11 -36.63
N LEU D 2 -20.64 -7.25 -36.82
CA LEU D 2 -20.56 -8.15 -35.68
C LEU D 2 -19.25 -8.92 -35.70
N PRO D 3 -18.66 -9.16 -34.53
CA PRO D 3 -17.38 -9.89 -34.52
C PRO D 3 -17.48 -11.23 -35.18
N LEU D 4 -18.59 -11.97 -35.00
CA LEU D 4 -18.67 -13.26 -35.67
C LEU D 4 -18.88 -13.15 -37.17
N THR D 5 -19.49 -12.07 -37.67
CA THR D 5 -19.53 -11.90 -39.13
C THR D 5 -18.11 -11.69 -39.68
N LEU D 6 -17.28 -10.90 -38.98
CA LEU D 6 -15.90 -10.76 -39.44
C LEU D 6 -15.14 -12.09 -39.37
N LEU D 7 -15.32 -12.84 -38.28
CA LEU D 7 -14.60 -14.11 -38.15
C LEU D 7 -15.06 -15.08 -39.23
N ASN D 8 -16.37 -15.16 -39.44
CA ASN D 8 -16.93 -16.01 -40.50
C ASN D 8 -16.48 -15.57 -41.89
N ALA D 9 -16.30 -14.25 -42.11
CA ALA D 9 -15.83 -13.72 -43.38
C ALA D 9 -14.32 -13.91 -43.61
N THR D 10 -13.54 -14.21 -42.57
CA THR D 10 -12.11 -14.54 -42.66
C THR D 10 -11.84 -16.03 -42.86
N GLN D 11 -12.86 -16.85 -42.98
CA GLN D 11 -12.62 -18.24 -43.35
C GLN D 11 -11.92 -18.30 -44.69
N GLY D 12 -10.91 -19.16 -44.81
CA GLY D 12 -10.12 -19.28 -46.01
C GLY D 12 -8.93 -18.36 -46.16
N ARG D 13 -8.73 -17.44 -45.22
CA ARG D 13 -7.67 -16.45 -45.26
C ARG D 13 -6.78 -16.58 -44.01
N PRO D 14 -5.58 -16.01 -44.02
CA PRO D 14 -4.74 -16.10 -42.81
C PRO D 14 -5.32 -15.39 -41.60
N ILE D 15 -4.89 -15.89 -40.44
CA ILE D 15 -5.37 -15.48 -39.14
C ILE D 15 -4.26 -15.78 -38.15
N LEU D 16 -4.16 -14.94 -37.12
CA LEU D 16 -3.25 -15.20 -36.01
C LEU D 16 -4.12 -15.31 -34.77
N VAL D 17 -3.92 -16.36 -33.99
CA VAL D 17 -4.74 -16.64 -32.82
C VAL D 17 -3.81 -16.68 -31.63
N GLU D 18 -4.13 -15.95 -30.56
CA GLU D 18 -3.41 -16.13 -29.30
C GLU D 18 -4.36 -16.61 -28.23
N LEU D 19 -3.94 -17.67 -27.55
CA LEU D 19 -4.68 -18.38 -26.51
C LEU D 19 -4.25 -17.84 -25.16
N LYS D 20 -5.08 -18.13 -24.15
CA LYS D 20 -4.77 -17.72 -22.79
C LYS D 20 -3.39 -18.23 -22.35
N ASN D 21 -3.03 -19.46 -22.77
CA ASN D 21 -1.73 -19.97 -22.33
C ASN D 21 -0.55 -19.25 -23.00
N GLY D 22 -0.83 -18.25 -23.85
CA GLY D 22 0.21 -17.48 -24.49
C GLY D 22 0.74 -18.03 -25.80
N GLU D 23 0.34 -19.23 -26.22
CA GLU D 23 0.77 -19.70 -27.53
C GLU D 23 0.03 -18.96 -28.61
N THR D 24 0.70 -18.75 -29.75
CA THR D 24 0.02 -18.17 -30.89
C THR D 24 0.09 -19.15 -32.06
N PHE D 25 -0.91 -19.04 -32.94
CA PHE D 25 -1.06 -19.91 -34.10
C PHE D 25 -1.24 -19.02 -35.31
N ASN D 26 -0.40 -19.20 -36.31
CA ASN D 26 -0.52 -18.51 -37.59
C ASN D 26 -1.00 -19.53 -38.61
N GLY D 27 -2.17 -19.31 -39.21
CA GLY D 27 -2.58 -20.27 -40.23
C GLY D 27 -3.74 -19.75 -41.03
N HIS D 28 -4.22 -20.58 -41.96
CA HIS D 28 -5.42 -20.20 -42.70
C HIS D 28 -6.66 -20.67 -41.95
N LEU D 29 -7.59 -19.76 -41.74
CA LEU D 29 -8.81 -20.16 -41.06
C LEU D 29 -9.70 -20.88 -42.06
N GLU D 30 -9.88 -22.20 -41.97
CA GLU D 30 -10.90 -22.69 -42.89
C GLU D 30 -12.26 -22.68 -42.24
N ASN D 31 -12.37 -22.82 -40.90
CA ASN D 31 -13.73 -22.75 -40.37
C ASN D 31 -13.83 -22.46 -38.88
N CYS D 32 -15.04 -22.06 -38.52
CA CYS D 32 -15.44 -21.63 -37.19
C CYS D 32 -16.92 -21.84 -36.95
N ASP D 33 -17.31 -21.80 -35.69
CA ASP D 33 -18.72 -21.87 -35.35
C ASP D 33 -19.07 -20.68 -34.44
N ASN D 34 -20.33 -20.63 -34.00
CA ASN D 34 -20.77 -19.50 -33.21
C ASN D 34 -20.26 -19.50 -31.78
N TYR D 35 -19.57 -20.56 -31.34
CA TYR D 35 -18.84 -20.59 -30.08
C TYR D 35 -17.46 -19.95 -30.17
N MET D 36 -16.98 -19.66 -31.38
CA MET D 36 -15.63 -19.27 -31.72
C MET D 36 -14.65 -20.43 -31.73
N ASN D 37 -15.12 -21.67 -31.70
CA ASN D 37 -14.21 -22.78 -32.02
C ASN D 37 -13.67 -22.58 -33.42
N LEU D 38 -12.39 -22.91 -33.62
CA LEU D 38 -11.74 -22.73 -34.91
C LEU D 38 -11.04 -24.00 -35.40
N THR D 39 -11.08 -24.24 -36.72
CA THR D 39 -10.12 -25.15 -37.36
C THR D 39 -9.31 -24.34 -38.37
N LEU D 40 -7.99 -24.43 -38.22
CA LEU D 40 -7.01 -23.77 -39.06
C LEU D 40 -6.19 -24.79 -39.82
N ARG D 41 -5.66 -24.37 -40.95
CA ARG D 41 -4.83 -25.18 -41.83
C ARG D 41 -3.48 -24.50 -42.00
N GLU D 42 -2.43 -25.32 -42.12
CA GLU D 42 -1.05 -24.86 -42.28
C GLU D 42 -0.62 -23.84 -41.23
N VAL D 43 -0.36 -24.30 -40.02
CA VAL D 43 -0.24 -23.46 -38.84
C VAL D 43 1.20 -23.49 -38.37
N ILE D 44 1.67 -22.37 -37.85
CA ILE D 44 2.90 -22.35 -37.07
C ILE D 44 2.43 -21.99 -35.67
N ARG D 45 2.70 -22.88 -34.72
CA ARG D 45 2.39 -22.66 -33.32
C ARG D 45 3.66 -22.25 -32.63
N THR D 46 3.60 -21.14 -31.90
CA THR D 46 4.72 -20.61 -31.15
C THR D 46 4.35 -20.68 -29.67
N MET D 47 5.22 -21.30 -28.88
CA MET D 47 5.02 -21.47 -27.44
C MET D 47 5.13 -20.12 -26.72
N PRO D 48 4.61 -20.02 -25.47
CA PRO D 48 4.48 -18.68 -24.84
C PRO D 48 5.74 -17.83 -24.74
N ASP D 49 6.92 -18.40 -24.52
CA ASP D 49 8.10 -17.55 -24.38
C ASP D 49 8.75 -17.26 -25.73
N GLY D 50 8.05 -17.53 -26.83
CA GLY D 50 8.67 -17.47 -28.13
C GLY D 50 9.85 -18.41 -28.22
N ASP D 51 9.87 -19.43 -27.37
CA ASP D 51 11.03 -20.31 -27.22
C ASP D 51 11.06 -21.38 -28.30
N LYS D 52 9.94 -22.08 -28.49
CA LYS D 52 9.89 -23.34 -29.24
C LYS D 52 8.77 -23.19 -30.26
N PHE D 53 8.90 -23.89 -31.38
CA PHE D 53 7.98 -23.71 -32.50
C PHE D 53 7.59 -25.06 -33.05
N PHE D 54 6.31 -25.21 -33.37
CA PHE D 54 5.83 -26.42 -34.01
C PHE D 54 5.09 -26.01 -35.27
N ARG D 55 5.17 -26.85 -36.29
CA ARG D 55 4.35 -26.69 -37.48
C ARG D 55 3.25 -27.73 -37.41
N LEU D 56 2.02 -27.30 -37.65
CA LEU D 56 0.87 -28.20 -37.59
C LEU D 56 0.21 -28.16 -38.95
N PRO D 57 -0.01 -29.32 -39.57
CA PRO D 57 -0.72 -29.35 -40.86
C PRO D 57 -2.09 -28.73 -40.77
N GLU D 58 -2.75 -28.85 -39.63
CA GLU D 58 -4.09 -28.36 -39.39
C GLU D 58 -4.26 -28.40 -37.88
N CYS D 59 -5.27 -27.67 -37.40
CA CYS D 59 -5.44 -27.69 -35.96
C CYS D 59 -6.84 -27.26 -35.58
N TYR D 60 -7.27 -27.73 -34.41
CA TYR D 60 -8.55 -27.33 -33.86
C TYR D 60 -8.30 -26.64 -32.53
N ILE D 61 -8.92 -25.47 -32.34
CA ILE D 61 -8.73 -24.70 -31.14
C ILE D 61 -10.12 -24.45 -30.61
N ARG D 62 -10.38 -24.87 -29.39
CA ARG D 62 -11.67 -24.55 -28.77
C ARG D 62 -11.74 -23.05 -28.43
N GLY D 63 -12.83 -22.42 -28.83
CA GLY D 63 -12.94 -20.98 -28.67
C GLY D 63 -12.86 -20.44 -27.25
N ASN D 64 -13.34 -21.19 -26.25
CA ASN D 64 -13.28 -20.66 -24.89
C ASN D 64 -11.87 -20.34 -24.39
N ASN D 65 -10.83 -20.79 -25.09
CA ASN D 65 -9.46 -20.54 -24.67
C ASN D 65 -8.76 -19.43 -25.43
N ILE D 66 -9.45 -18.74 -26.33
CA ILE D 66 -8.82 -17.72 -27.15
C ILE D 66 -8.81 -16.41 -26.38
N LYS D 67 -7.68 -15.73 -26.44
CA LYS D 67 -7.63 -14.36 -25.97
C LYS D 67 -7.97 -13.39 -27.08
N TYR D 68 -7.29 -13.51 -28.23
CA TYR D 68 -7.65 -12.60 -29.31
C TYR D 68 -7.26 -13.18 -30.67
N LEU D 69 -7.84 -12.59 -31.73
CA LEU D 69 -7.51 -12.93 -33.11
C LEU D 69 -7.09 -11.68 -33.91
N ARG D 70 -6.15 -11.87 -34.83
CA ARG D 70 -5.69 -10.83 -35.76
C ARG D 70 -6.06 -11.27 -37.15
N ILE D 71 -6.64 -10.35 -37.93
CA ILE D 71 -7.30 -10.61 -39.20
C ILE D 71 -6.81 -9.55 -40.19
N GLN D 72 -6.67 -9.94 -41.47
CA GLN D 72 -6.14 -8.98 -42.44
C GLN D 72 -7.10 -7.81 -42.63
N ASP D 73 -6.54 -6.62 -42.92
CA ASP D 73 -7.37 -5.42 -43.07
C ASP D 73 -8.36 -5.53 -44.22
N GLU D 74 -7.99 -6.22 -45.31
CA GLU D 74 -8.88 -6.31 -46.46
C GLU D 74 -10.09 -7.17 -46.16
N VAL D 75 -9.98 -8.14 -45.25
CA VAL D 75 -11.17 -8.91 -44.89
C VAL D 75 -12.20 -7.99 -44.28
N LEU D 76 -11.77 -7.16 -43.32
CA LEU D 76 -12.67 -6.19 -42.71
C LEU D 76 -13.19 -5.21 -43.76
N SER D 77 -12.31 -4.77 -44.65
CA SER D 77 -12.71 -3.89 -45.75
C SER D 77 -13.76 -4.57 -46.64
N GLN D 78 -13.54 -5.84 -46.99
CA GLN D 78 -14.45 -6.57 -47.87
C GLN D 78 -15.82 -6.68 -47.22
N VAL D 79 -15.86 -7.00 -45.93
CA VAL D 79 -17.12 -7.15 -45.21
C VAL D 79 -17.84 -5.81 -45.08
N ALA D 80 -17.11 -4.73 -44.79
CA ALA D 80 -17.75 -3.42 -44.70
C ALA D 80 -18.39 -3.11 -46.03
N LYS D 81 -17.69 -3.42 -47.11
CA LYS D 81 -18.24 -3.19 -48.43
C LYS D 81 -19.47 -4.02 -48.71
N GLN D 82 -19.46 -5.25 -48.27
CA GLN D 82 -20.57 -6.16 -48.50
C GLN D 82 -21.80 -5.72 -47.71
N GLN D 83 -21.59 -5.21 -46.49
CA GLN D 83 -22.72 -4.75 -45.70
C GLN D 83 -23.27 -3.47 -46.30
N ALA D 84 -22.39 -2.66 -46.88
CA ALA D 84 -22.79 -1.45 -47.57
C ALA D 84 -23.42 -1.78 -48.93
N GLN D 85 -23.15 -2.96 -49.50
CA GLN D 85 -23.90 -3.39 -50.68
C GLN D 85 -25.26 -3.95 -50.31
N GLN D 86 -25.35 -4.67 -49.17
CA GLN D 86 -26.65 -5.22 -48.78
C GLN D 86 -27.71 -4.19 -48.44
N ARG D 87 -27.35 -3.00 -47.91
CA ARG D 87 -28.37 -1.99 -47.66
C ARG D 87 -29.16 -1.54 -48.90
N GLU D 88 -28.53 -1.45 -50.07
CA GLU D 88 -29.35 -1.13 -51.25
C GLU D 88 -29.31 -2.25 -52.30
N THR E 4 -16.07 -47.57 -33.40
CA THR E 4 -15.88 -46.41 -32.56
C THR E 4 -16.16 -46.72 -31.11
N ILE E 5 -16.17 -45.72 -30.24
CA ILE E 5 -16.37 -45.94 -28.81
C ILE E 5 -17.25 -44.85 -28.18
N LEU E 6 -18.09 -45.23 -27.22
CA LEU E 6 -18.90 -44.15 -26.65
C LEU E 6 -18.50 -43.83 -25.22
N PRO E 7 -18.08 -42.57 -24.99
CA PRO E 7 -17.65 -42.15 -23.64
C PRO E 7 -18.57 -42.47 -22.46
N LEU E 8 -19.87 -42.09 -22.55
CA LEU E 8 -20.74 -42.27 -21.42
C LEU E 8 -21.02 -43.76 -21.23
N GLU E 9 -20.92 -44.52 -22.33
CA GLU E 9 -21.06 -45.96 -22.27
C GLU E 9 -19.84 -46.56 -21.58
N LEU E 10 -18.68 -45.97 -21.81
CA LEU E 10 -17.46 -46.39 -21.15
C LEU E 10 -17.54 -46.18 -19.63
N ILE E 11 -17.94 -44.98 -19.16
CA ILE E 11 -17.99 -44.85 -17.70
C ILE E 11 -19.08 -45.76 -17.14
N ASP E 12 -20.23 -45.86 -17.86
CA ASP E 12 -21.30 -46.75 -17.45
C ASP E 12 -20.77 -48.17 -17.37
N LYS E 13 -19.86 -48.56 -18.27
CA LYS E 13 -19.19 -49.85 -18.11
C LYS E 13 -18.49 -49.89 -16.77
N CYS E 14 -18.06 -48.71 -16.24
CA CYS E 14 -17.25 -48.70 -14.99
C CYS E 14 -18.08 -48.70 -13.68
N ILE E 15 -19.43 -48.65 -13.73
CA ILE E 15 -20.18 -48.61 -12.48
C ILE E 15 -19.89 -49.89 -11.72
N GLY E 16 -19.60 -49.77 -10.44
CA GLY E 16 -19.23 -50.92 -9.67
C GLY E 16 -17.76 -51.28 -9.72
N SER E 17 -17.00 -50.68 -10.63
CA SER E 17 -15.57 -50.90 -10.84
C SER E 17 -14.68 -49.82 -10.25
N ASN E 18 -13.38 -50.12 -10.23
CA ASN E 18 -12.41 -49.16 -9.75
C ASN E 18 -12.21 -48.14 -10.86
N LEU E 19 -12.25 -46.86 -10.51
CA LEU E 19 -12.10 -45.76 -11.45
C LEU E 19 -11.03 -44.84 -10.91
N TRP E 20 -10.22 -44.32 -11.81
CA TRP E 20 -9.22 -43.34 -11.45
C TRP E 20 -9.63 -42.06 -12.15
N VAL E 21 -9.77 -40.98 -11.39
CA VAL E 21 -10.22 -39.72 -11.97
C VAL E 21 -9.11 -38.74 -11.67
N ILE E 22 -8.67 -38.02 -12.69
CA ILE E 22 -7.59 -37.06 -12.53
C ILE E 22 -8.08 -35.70 -12.98
N MET E 23 -7.94 -34.70 -12.11
CA MET E 23 -8.42 -33.35 -12.39
C MET E 23 -7.39 -32.56 -13.20
N LYS E 24 -7.83 -31.40 -13.74
CA LYS E 24 -6.92 -30.47 -14.42
C LYS E 24 -5.90 -29.91 -13.46
N SER E 25 -6.29 -29.64 -12.22
CA SER E 25 -5.17 -29.37 -11.33
C SER E 25 -4.46 -30.71 -11.14
N GLU E 26 -3.30 -30.66 -10.52
CA GLU E 26 -2.53 -31.89 -10.32
C GLU E 26 -2.96 -32.63 -9.04
N ARG E 27 -4.18 -33.17 -9.13
CA ARG E 27 -4.84 -33.92 -8.07
C ARG E 27 -5.51 -35.12 -8.71
N GLU E 28 -5.51 -36.24 -7.98
CA GLU E 28 -6.13 -37.50 -8.37
C GLU E 28 -6.97 -38.15 -7.28
N PHE E 29 -7.92 -38.97 -7.73
CA PHE E 29 -8.70 -39.78 -6.81
C PHE E 29 -8.68 -41.17 -7.43
N ALA E 30 -8.60 -42.23 -6.63
CA ALA E 30 -8.71 -43.57 -7.16
C ALA E 30 -9.58 -44.37 -6.21
N GLY E 31 -10.68 -44.92 -6.70
CA GLY E 31 -11.57 -45.69 -5.83
C GLY E 31 -12.56 -46.48 -6.67
N THR E 32 -13.54 -47.11 -6.01
CA THR E 32 -14.54 -47.91 -6.72
C THR E 32 -15.78 -47.05 -6.90
N LEU E 33 -16.21 -46.92 -8.17
CA LEU E 33 -17.33 -46.07 -8.62
C LEU E 33 -18.73 -46.56 -8.21
N VAL E 34 -19.47 -45.65 -7.57
CA VAL E 34 -20.84 -45.88 -7.11
C VAL E 34 -21.87 -45.30 -8.08
N GLY E 35 -21.62 -44.15 -8.69
CA GLY E 35 -22.70 -43.62 -9.49
C GLY E 35 -22.43 -42.22 -10.03
N PHE E 36 -23.40 -41.75 -10.83
CA PHE E 36 -23.29 -40.50 -11.55
C PHE E 36 -24.64 -39.91 -11.95
N ASN E 41 -20.82 -34.57 -11.73
CA ASN E 41 -20.63 -34.82 -10.30
C ASN E 41 -20.69 -36.34 -10.07
N ILE E 42 -19.67 -36.94 -9.45
CA ILE E 42 -19.66 -38.38 -9.27
C ILE E 42 -19.69 -38.79 -7.80
N VAL E 43 -20.29 -39.95 -7.50
CA VAL E 43 -20.20 -40.52 -6.16
C VAL E 43 -19.24 -41.69 -6.27
N LEU E 44 -18.20 -41.66 -5.44
CA LEU E 44 -17.18 -42.69 -5.37
C LEU E 44 -17.17 -43.35 -3.99
N LYS E 45 -16.85 -44.65 -3.99
CA LYS E 45 -16.70 -45.37 -2.73
C LYS E 45 -15.26 -45.82 -2.53
N ASP E 46 -14.87 -45.80 -1.25
CA ASP E 46 -13.55 -46.22 -0.77
C ASP E 46 -12.47 -45.59 -1.67
N VAL E 47 -12.41 -44.25 -1.70
CA VAL E 47 -11.56 -43.55 -2.67
C VAL E 47 -10.35 -43.06 -1.89
N THR E 48 -9.18 -43.09 -2.53
CA THR E 48 -8.03 -42.44 -1.94
C THR E 48 -7.73 -41.23 -2.84
N GLU E 49 -7.64 -40.06 -2.24
CA GLU E 49 -7.28 -38.83 -2.93
C GLU E 49 -5.77 -38.60 -2.81
N TYR E 50 -5.15 -38.34 -3.96
CA TYR E 50 -3.71 -38.13 -4.14
C TYR E 50 -3.48 -36.70 -4.56
N ASP E 51 -2.75 -35.96 -3.75
CA ASP E 51 -2.21 -34.67 -4.16
C ASP E 51 -0.89 -34.94 -4.89
N THR E 52 -0.86 -34.74 -6.22
CA THR E 52 0.34 -35.15 -6.97
C THR E 52 1.55 -34.21 -6.86
N VAL E 53 1.42 -33.00 -6.35
CA VAL E 53 2.55 -32.14 -6.01
C VAL E 53 3.04 -32.31 -4.57
N THR E 54 2.23 -31.99 -3.56
CA THR E 54 2.72 -32.12 -2.18
C THR E 54 2.92 -33.57 -1.75
N GLY E 55 2.34 -34.52 -2.46
CA GLY E 55 2.44 -35.91 -2.12
C GLY E 55 1.52 -36.32 -0.99
N VAL E 56 0.75 -35.38 -0.40
CA VAL E 56 -0.10 -35.78 0.71
C VAL E 56 -1.24 -36.61 0.15
N THR E 57 -1.49 -37.76 0.74
CA THR E 57 -2.59 -38.59 0.29
C THR E 57 -3.56 -38.76 1.47
N GLU E 58 -4.85 -38.79 1.20
CA GLU E 58 -5.83 -39.03 2.25
C GLU E 58 -6.94 -39.86 1.65
N LYS E 59 -7.50 -40.73 2.46
CA LYS E 59 -8.58 -41.58 2.02
C LYS E 59 -9.91 -41.12 2.64
N HIS E 60 -11.00 -41.43 1.95
CA HIS E 60 -12.35 -41.11 2.32
C HIS E 60 -13.21 -42.33 1.96
N SER E 61 -14.18 -42.64 2.85
CA SER E 61 -15.08 -43.78 2.63
C SER E 61 -16.07 -43.55 1.49
N GLU E 62 -16.62 -42.35 1.36
CA GLU E 62 -17.54 -42.15 0.25
C GLU E 62 -17.69 -40.65 0.03
N MET E 63 -17.71 -40.25 -1.24
CA MET E 63 -17.74 -38.81 -1.45
C MET E 63 -18.40 -38.44 -2.76
N LEU E 64 -19.06 -37.27 -2.76
CA LEU E 64 -19.54 -36.68 -4.00
C LEU E 64 -18.46 -35.72 -4.48
N LEU E 65 -17.82 -36.05 -5.58
CA LEU E 65 -16.76 -35.25 -6.18
C LEU E 65 -17.28 -34.41 -7.35
N ASN E 66 -17.16 -33.09 -7.20
CA ASN E 66 -17.65 -32.14 -8.20
C ASN E 66 -17.01 -32.40 -9.55
N GLY E 67 -17.88 -32.47 -10.56
CA GLY E 67 -17.47 -32.79 -11.91
C GLY E 67 -16.83 -31.68 -12.71
N ASN E 68 -16.96 -30.42 -12.29
CA ASN E 68 -16.48 -29.33 -13.13
C ASN E 68 -14.97 -29.41 -13.35
N GLY E 69 -14.23 -29.88 -12.36
CA GLY E 69 -12.79 -29.93 -12.48
C GLY E 69 -12.17 -31.25 -12.91
N MET E 70 -12.94 -32.25 -13.32
CA MET E 70 -12.31 -33.51 -13.72
C MET E 70 -11.91 -33.43 -15.19
N CYS E 71 -10.68 -33.88 -15.47
CA CYS E 71 -10.08 -33.95 -16.79
C CYS E 71 -10.22 -35.30 -17.47
N MET E 72 -9.88 -36.40 -16.77
CA MET E 72 -9.78 -37.70 -17.42
C MET E 72 -10.33 -38.80 -16.51
N LEU E 73 -10.99 -39.79 -17.15
CA LEU E 73 -11.47 -41.01 -16.50
C LEU E 73 -10.79 -42.25 -17.06
N ILE E 74 -10.25 -43.05 -16.16
CA ILE E 74 -9.44 -44.24 -16.45
C ILE E 74 -9.99 -45.46 -15.74
N PRO E 75 -10.62 -46.44 -16.39
CA PRO E 75 -10.97 -47.71 -15.71
C PRO E 75 -9.72 -48.36 -15.08
N ASN F 8 -28.72 -40.32 -6.93
CA ASN F 8 -28.19 -39.42 -5.90
C ASN F 8 -28.72 -39.79 -4.51
N GLU F 9 -28.97 -41.08 -4.27
CA GLU F 9 -29.30 -41.57 -2.94
C GLU F 9 -28.23 -41.27 -1.88
N PHE F 10 -27.08 -40.74 -2.30
CA PHE F 10 -26.08 -40.23 -1.35
C PHE F 10 -26.71 -39.19 -0.42
N LEU F 11 -27.50 -38.26 -1.00
CA LEU F 11 -28.06 -37.18 -0.21
C LEU F 11 -28.79 -37.69 1.03
N ASN F 12 -29.86 -38.47 0.85
CA ASN F 12 -30.59 -39.00 2.00
C ASN F 12 -29.63 -39.66 2.99
N LYS F 13 -28.64 -40.40 2.47
CA LYS F 13 -27.70 -41.07 3.35
C LYS F 13 -26.83 -40.08 4.13
N VAL F 14 -26.75 -38.82 3.72
CA VAL F 14 -25.73 -37.88 4.23
C VAL F 14 -26.35 -36.65 4.90
N ILE F 15 -27.51 -36.19 4.37
CA ILE F 15 -28.19 -35.03 4.91
C ILE F 15 -28.53 -35.25 6.37
N GLY F 16 -28.11 -34.31 7.21
CA GLY F 16 -28.35 -34.40 8.64
C GLY F 16 -27.20 -35.01 9.40
N LYS F 17 -26.14 -35.40 8.71
CA LYS F 17 -24.96 -35.95 9.35
C LYS F 17 -23.79 -35.03 9.05
N LYS F 18 -22.69 -35.21 9.80
CA LYS F 18 -21.49 -34.40 9.58
C LYS F 18 -20.82 -34.76 8.23
N VAL F 19 -20.39 -33.69 7.49
CA VAL F 19 -19.77 -33.82 6.16
C VAL F 19 -18.49 -32.96 6.05
N LEU F 20 -17.59 -33.31 5.13
CA LEU F 20 -16.44 -32.49 4.72
C LEU F 20 -16.57 -31.86 3.35
N ILE F 21 -16.40 -30.56 3.32
CA ILE F 21 -16.45 -29.84 2.09
C ILE F 21 -15.01 -29.43 1.90
N ARG F 22 -14.40 -29.86 0.81
CA ARG F 22 -13.09 -29.33 0.50
C ARG F 22 -13.33 -28.45 -0.68
N LEU F 23 -12.94 -27.21 -0.53
CA LEU F 23 -12.94 -26.29 -1.63
C LEU F 23 -11.67 -26.47 -2.45
N SER F 24 -11.75 -26.10 -3.73
CA SER F 24 -10.59 -26.19 -4.60
C SER F 24 -9.41 -25.41 -4.02
N SER F 25 -9.69 -24.31 -3.31
CA SER F 25 -8.64 -23.54 -2.66
C SER F 25 -7.86 -24.35 -1.63
N GLY F 26 -8.42 -25.45 -1.15
CA GLY F 26 -7.75 -26.27 -0.15
C GLY F 26 -8.26 -26.12 1.27
N VAL F 27 -9.11 -25.13 1.54
CA VAL F 27 -9.68 -24.97 2.86
C VAL F 27 -10.77 -25.99 3.09
N ASP F 28 -10.84 -26.59 4.27
CA ASP F 28 -11.86 -27.61 4.52
C ASP F 28 -12.89 -27.10 5.51
N TYR F 29 -14.15 -27.51 5.34
CA TYR F 29 -15.18 -27.20 6.32
C TYR F 29 -15.89 -28.49 6.69
N LYS F 30 -16.00 -28.73 8.00
CA LYS F 30 -16.70 -29.89 8.54
C LYS F 30 -17.85 -29.46 9.44
N GLY F 31 -19.01 -30.09 9.25
CA GLY F 31 -20.15 -29.72 10.09
C GLY F 31 -21.34 -30.57 9.72
N ILE F 32 -22.41 -30.43 10.47
CA ILE F 32 -23.65 -31.15 10.12
C ILE F 32 -24.26 -30.52 8.88
N LEU F 33 -24.53 -31.35 7.87
CA LEU F 33 -25.10 -30.88 6.63
C LEU F 33 -26.62 -30.73 6.66
N SER F 34 -27.07 -29.47 6.59
CA SER F 34 -28.47 -29.10 6.47
C SER F 34 -28.99 -29.34 5.05
N CYS F 35 -28.25 -28.91 4.03
CA CYS F 35 -28.84 -28.87 2.71
C CYS F 35 -27.78 -28.83 1.62
N LEU F 36 -28.20 -29.30 0.46
CA LEU F 36 -27.40 -29.35 -0.75
C LEU F 36 -28.38 -29.08 -1.88
N ASP F 37 -27.88 -28.57 -3.01
CA ASP F 37 -28.73 -28.30 -4.17
C ASP F 37 -28.00 -28.72 -5.44
N GLY F 38 -28.63 -28.49 -6.60
CA GLY F 38 -28.06 -28.98 -7.85
C GLY F 38 -26.70 -28.41 -8.20
N TYR F 39 -26.45 -27.14 -7.87
CA TYR F 39 -25.16 -26.53 -8.11
C TYR F 39 -24.15 -26.83 -7.00
N MET F 40 -24.52 -27.70 -6.06
CA MET F 40 -23.71 -28.04 -4.88
C MET F 40 -23.53 -26.86 -3.90
N ASN F 41 -24.46 -25.90 -3.91
CA ASN F 41 -24.54 -24.97 -2.78
C ASN F 41 -24.91 -25.75 -1.52
N LEU F 42 -24.25 -25.40 -0.41
CA LEU F 42 -24.40 -26.13 0.85
C LEU F 42 -24.95 -25.22 1.93
N ALA F 43 -25.74 -25.80 2.82
CA ALA F 43 -25.99 -25.23 4.13
C ALA F 43 -25.58 -26.22 5.21
N LEU F 44 -24.74 -25.74 6.12
CA LEU F 44 -24.19 -26.49 7.25
C LEU F 44 -24.69 -25.86 8.55
N GLU F 45 -24.65 -26.65 9.63
CA GLU F 45 -25.31 -26.27 10.86
C GLU F 45 -24.38 -25.79 11.97
N ARG F 46 -23.12 -26.16 11.93
CA ARG F 46 -22.16 -25.67 12.90
C ARG F 46 -20.82 -26.01 12.29
N THR F 47 -20.36 -25.11 11.44
CA THR F 47 -19.25 -25.38 10.57
C THR F 47 -17.97 -25.02 11.28
N GLU F 48 -16.98 -25.90 11.15
CA GLU F 48 -15.62 -25.64 11.60
C GLU F 48 -14.72 -25.58 10.39
N GLU F 49 -13.86 -24.57 10.37
CA GLU F 49 -12.96 -24.31 9.24
C GLU F 49 -11.53 -24.76 9.55
N TYR F 50 -10.89 -25.38 8.54
CA TYR F 50 -9.55 -25.92 8.69
C TYR F 50 -8.66 -25.44 7.54
N VAL F 51 -7.54 -24.78 7.87
CA VAL F 51 -6.54 -24.31 6.91
C VAL F 51 -5.17 -24.92 7.21
N ASN F 52 -4.51 -25.43 6.16
CA ASN F 52 -3.33 -26.31 6.31
C ASN F 52 -3.60 -27.47 7.28
N GLY F 53 -4.86 -27.74 7.61
CA GLY F 53 -5.26 -28.82 8.47
C GLY F 53 -5.55 -28.37 9.90
N LYS F 54 -5.30 -27.09 10.21
CA LYS F 54 -5.39 -26.49 11.55
C LYS F 54 -6.77 -25.81 11.64
N LYS F 55 -7.47 -25.92 12.77
CA LYS F 55 -8.71 -25.13 12.96
C LYS F 55 -8.51 -23.63 13.07
N THR F 56 -9.15 -22.88 12.17
CA THR F 56 -8.95 -21.43 12.14
C THR F 56 -10.17 -20.61 12.56
N ASN F 57 -11.39 -21.06 12.27
CA ASN F 57 -12.59 -20.34 12.65
C ASN F 57 -13.70 -21.36 12.75
N VAL F 58 -14.71 -21.05 13.56
CA VAL F 58 -15.91 -21.86 13.62
C VAL F 58 -17.10 -20.93 13.46
N TYR F 59 -17.97 -21.27 12.52
CA TYR F 59 -19.18 -20.55 12.16
C TYR F 59 -20.37 -21.39 12.59
N GLY F 60 -21.41 -20.74 13.12
CA GLY F 60 -22.55 -21.48 13.64
C GLY F 60 -23.48 -22.08 12.60
N ASP F 61 -23.50 -21.55 11.39
CA ASP F 61 -24.26 -22.07 10.25
C ASP F 61 -23.51 -21.49 9.07
N ALA F 62 -23.51 -22.21 7.96
CA ALA F 62 -22.80 -21.64 6.83
C ALA F 62 -23.49 -21.98 5.52
N PHE F 63 -23.56 -21.00 4.66
CA PHE F 63 -23.88 -21.23 3.26
C PHE F 63 -22.57 -21.22 2.51
N ILE F 64 -22.32 -22.28 1.76
CA ILE F 64 -21.14 -22.36 0.91
C ILE F 64 -21.62 -22.39 -0.53
N ARG F 65 -21.04 -21.54 -1.36
CA ARG F 65 -21.43 -21.45 -2.75
C ARG F 65 -20.81 -22.63 -3.49
N GLY F 66 -21.62 -23.35 -4.27
CA GLY F 66 -21.17 -24.66 -4.72
C GLY F 66 -20.00 -24.61 -5.69
N ASN F 67 -19.82 -23.50 -6.41
CA ASN F 67 -18.74 -23.41 -7.38
C ASN F 67 -17.40 -23.58 -6.74
N ASN F 68 -17.29 -23.34 -5.45
CA ASN F 68 -16.02 -23.49 -4.76
C ASN F 68 -15.79 -24.90 -4.24
N VAL F 69 -16.82 -25.72 -4.16
CA VAL F 69 -16.70 -27.02 -3.52
C VAL F 69 -16.06 -28.01 -4.49
N LEU F 70 -14.96 -28.62 -4.08
CA LEU F 70 -14.38 -29.73 -4.83
C LEU F 70 -15.04 -31.05 -4.44
N TYR F 71 -15.21 -31.30 -3.15
CA TYR F 71 -16.00 -32.48 -2.84
C TYR F 71 -16.62 -32.38 -1.46
N VAL F 72 -17.63 -33.22 -1.26
CA VAL F 72 -18.22 -33.50 0.04
C VAL F 72 -18.01 -34.96 0.32
N SER F 73 -17.36 -35.24 1.46
CA SER F 73 -17.00 -36.56 1.92
C SER F 73 -17.65 -36.81 3.27
N ALA F 74 -18.18 -38.02 3.42
CA ALA F 74 -18.98 -38.51 4.53
C ALA F 74 -18.20 -38.86 5.79
N LEU F 75 -18.92 -38.74 6.93
CA LEU F 75 -18.44 -38.98 8.32
C LEU F 75 -19.12 -40.11 9.11
N SER G 24 -20.72 -30.10 -34.85
CA SER G 24 -19.30 -30.23 -34.50
C SER G 24 -18.41 -29.97 -35.70
N ILE G 25 -17.49 -29.01 -35.53
CA ILE G 25 -16.56 -28.53 -36.57
C ILE G 25 -15.49 -29.61 -36.78
N LEU G 26 -15.58 -30.71 -36.04
CA LEU G 26 -14.72 -31.85 -36.28
C LEU G 26 -15.47 -33.19 -36.39
N TYR G 31 -10.51 -38.62 -38.30
CA TYR G 31 -9.37 -38.84 -37.41
C TYR G 31 -9.51 -40.17 -36.73
N GLN G 32 -10.60 -40.88 -37.01
CA GLN G 32 -10.84 -42.06 -36.20
C GLN G 32 -9.69 -43.08 -36.39
N ASP G 33 -9.19 -43.59 -35.28
CA ASP G 33 -8.06 -44.51 -35.19
C ASP G 33 -6.73 -43.92 -35.68
N GLN G 34 -6.64 -42.61 -35.94
CA GLN G 34 -5.35 -42.00 -36.23
C GLN G 34 -4.88 -41.33 -34.94
N ARG G 35 -3.54 -41.17 -34.74
CA ARG G 35 -3.05 -40.56 -33.49
C ARG G 35 -3.01 -39.03 -33.50
N ILE G 36 -3.62 -38.43 -32.47
CA ILE G 36 -3.70 -36.98 -32.32
C ILE G 36 -3.15 -36.59 -30.95
N GLN G 37 -2.82 -35.31 -30.82
CA GLN G 37 -2.42 -34.71 -29.56
C GLN G 37 -3.48 -33.72 -29.09
N ALA G 38 -3.66 -33.67 -27.78
CA ALA G 38 -4.67 -32.81 -27.22
C ALA G 38 -4.12 -32.13 -25.98
N THR G 39 -4.53 -30.88 -25.79
CA THR G 39 -4.08 -30.09 -24.65
C THR G 39 -5.30 -29.47 -24.01
N PHE G 40 -5.27 -29.45 -22.69
CA PHE G 40 -6.38 -29.10 -21.81
C PHE G 40 -6.12 -27.81 -21.07
N THR G 41 -7.22 -27.14 -20.72
CA THR G 41 -7.12 -26.02 -19.80
C THR G 41 -6.57 -26.46 -18.45
N GLY G 42 -5.62 -25.69 -17.95
CA GLY G 42 -4.83 -26.01 -16.79
C GLY G 42 -3.44 -26.46 -17.18
N GLY G 43 -3.23 -26.77 -18.47
CA GLY G 43 -1.92 -27.04 -19.01
C GLY G 43 -1.66 -28.48 -19.40
N ARG G 44 -2.39 -29.45 -18.83
CA ARG G 44 -2.09 -30.84 -19.15
C ARG G 44 -2.18 -31.07 -20.65
N GLN G 45 -1.27 -31.91 -21.17
CA GLN G 45 -1.12 -32.16 -22.58
C GLN G 45 -0.87 -33.64 -22.73
N ILE G 46 -1.59 -34.29 -23.65
CA ILE G 46 -1.52 -35.74 -23.81
C ILE G 46 -1.40 -36.06 -25.29
N THR G 47 -0.98 -37.29 -25.56
CA THR G 47 -1.10 -37.82 -26.88
C THR G 47 -1.84 -39.15 -26.85
N GLY G 48 -2.38 -39.50 -27.99
CA GLY G 48 -3.03 -40.79 -28.09
C GLY G 48 -3.74 -40.99 -29.41
N ILE G 49 -4.08 -42.23 -29.74
CA ILE G 49 -4.77 -42.60 -30.97
C ILE G 49 -6.26 -42.54 -30.73
N LEU G 50 -6.94 -41.70 -31.51
CA LEU G 50 -8.38 -41.51 -31.46
C LEU G 50 -9.15 -42.78 -31.84
N LYS G 51 -9.80 -43.38 -30.89
CA LYS G 51 -10.60 -44.55 -31.24
C LYS G 51 -12.10 -44.28 -31.12
N GLY G 52 -12.52 -43.19 -30.47
CA GLY G 52 -13.93 -42.83 -30.61
C GLY G 52 -14.23 -41.45 -30.05
N PHE G 53 -15.46 -40.99 -30.31
CA PHE G 53 -15.90 -39.68 -29.84
C PHE G 53 -17.41 -39.57 -29.94
N ASP G 54 -17.97 -38.58 -29.27
CA ASP G 54 -19.36 -38.20 -29.51
C ASP G 54 -19.49 -36.68 -29.66
N GLN G 55 -20.73 -36.16 -29.68
CA GLN G 55 -20.94 -34.76 -30.01
C GLN G 55 -20.60 -33.76 -28.90
N LEU G 56 -20.64 -34.15 -27.65
CA LEU G 56 -20.12 -33.25 -26.60
C LEU G 56 -18.62 -33.08 -26.73
N MET G 57 -18.00 -33.72 -27.72
CA MET G 57 -16.56 -33.65 -27.98
C MET G 57 -15.89 -34.42 -26.89
N ASN G 58 -16.66 -35.30 -26.25
CA ASN G 58 -15.99 -36.33 -25.50
C ASN G 58 -15.13 -37.12 -26.42
N LEU G 59 -14.04 -37.55 -25.89
CA LEU G 59 -13.14 -38.30 -26.71
C LEU G 59 -12.95 -39.57 -25.93
N VAL G 60 -12.75 -40.66 -26.64
CA VAL G 60 -12.21 -41.82 -26.00
C VAL G 60 -10.89 -42.06 -26.71
N LEU G 61 -9.80 -41.86 -26.03
CA LEU G 61 -8.51 -42.09 -26.66
C LEU G 61 -7.77 -43.16 -25.90
N ASP G 62 -7.13 -44.07 -26.62
CA ASP G 62 -6.25 -45.04 -25.96
C ASP G 62 -4.84 -44.80 -26.46
N ASP G 63 -3.96 -45.38 -25.62
CA ASP G 63 -2.50 -45.42 -25.53
C ASP G 63 -2.05 -43.99 -25.47
N VAL G 64 -2.84 -43.26 -24.66
CA VAL G 64 -2.71 -41.86 -24.36
C VAL G 64 -1.53 -41.76 -23.41
N GLU G 65 -0.66 -40.81 -23.61
CA GLU G 65 0.32 -40.56 -22.57
C GLU G 65 0.43 -39.06 -22.38
N GLU G 66 0.37 -38.60 -21.13
CA GLU G 66 0.53 -37.20 -20.86
C GLU G 66 1.98 -36.85 -20.58
N GLN G 67 2.45 -35.82 -21.29
CA GLN G 67 3.77 -35.24 -21.12
C GLN G 67 3.76 -34.22 -19.98
N LEU G 68 4.49 -34.53 -18.92
CA LEU G 68 4.53 -33.80 -17.67
C LEU G 68 5.40 -32.53 -17.74
N ARG G 69 5.18 -31.62 -16.78
CA ARG G 69 5.92 -30.34 -16.67
C ARG G 69 6.57 -30.25 -15.29
N ALA G 79 9.62 -35.42 -20.06
CA ALA G 79 9.18 -36.50 -19.20
C ALA G 79 7.70 -36.81 -19.42
N ILE G 80 7.31 -38.09 -19.31
CA ILE G 80 5.95 -38.51 -19.58
C ILE G 80 5.47 -39.59 -18.61
N ARG G 81 4.15 -39.70 -18.47
CA ARG G 81 3.54 -40.92 -17.94
C ARG G 81 2.41 -41.31 -18.87
N LYS G 82 2.15 -42.60 -18.92
CA LYS G 82 1.16 -43.20 -19.79
C LYS G 82 -0.08 -43.63 -19.00
N LEU G 83 -1.27 -43.22 -19.47
CA LEU G 83 -2.48 -43.43 -18.68
C LEU G 83 -3.41 -44.57 -19.11
N GLY G 84 -3.09 -45.25 -20.17
CA GLY G 84 -3.83 -46.36 -20.73
C GLY G 84 -5.03 -45.78 -21.44
N LEU G 85 -6.17 -46.42 -21.32
CA LEU G 85 -7.30 -45.91 -22.05
C LEU G 85 -8.12 -44.99 -21.20
N VAL G 86 -8.26 -43.76 -21.70
CA VAL G 86 -8.87 -42.70 -20.95
C VAL G 86 -9.96 -42.21 -21.86
N VAL G 87 -11.01 -41.78 -21.24
CA VAL G 87 -12.04 -40.99 -21.84
C VAL G 87 -11.73 -39.58 -21.39
N VAL G 88 -11.64 -38.70 -22.35
CA VAL G 88 -11.39 -37.30 -22.10
C VAL G 88 -12.73 -36.56 -22.16
N ARG G 89 -12.88 -35.61 -21.24
CA ARG G 89 -14.10 -34.81 -21.12
C ARG G 89 -14.00 -33.62 -22.07
N GLY G 90 -14.97 -33.55 -22.99
CA GLY G 90 -14.94 -32.55 -24.04
C GLY G 90 -14.88 -31.12 -23.56
N THR G 91 -15.43 -30.86 -22.37
CA THR G 91 -15.46 -29.50 -21.86
C THR G 91 -14.07 -28.96 -21.51
N THR G 92 -13.07 -29.83 -21.32
CA THR G 92 -11.72 -29.41 -20.91
C THR G 92 -10.69 -29.31 -22.03
N LEU G 93 -11.01 -29.74 -23.25
CA LEU G 93 -10.06 -29.63 -24.35
C LEU G 93 -9.84 -28.17 -24.72
N VAL G 94 -8.59 -27.83 -24.99
CA VAL G 94 -8.26 -26.59 -25.67
C VAL G 94 -7.80 -26.83 -27.09
N LEU G 95 -7.01 -27.85 -27.30
CA LEU G 95 -6.42 -28.01 -28.61
C LEU G 95 -6.39 -29.48 -28.97
N ILE G 96 -6.75 -29.78 -30.21
CA ILE G 96 -6.62 -31.10 -30.80
C ILE G 96 -5.94 -30.88 -32.15
N ALA G 97 -4.86 -31.61 -32.39
CA ALA G 97 -4.18 -31.51 -33.67
C ALA G 97 -3.73 -32.92 -34.03
N PRO G 98 -3.59 -33.24 -35.31
CA PRO G 98 -3.04 -34.55 -35.64
C PRO G 98 -1.55 -34.58 -35.34
N MET G 99 -1.07 -35.75 -34.91
CA MET G 99 0.34 -35.93 -34.64
C MET G 99 1.16 -36.13 -35.88
N ASP G 100 0.59 -36.70 -36.93
CA ASP G 100 1.35 -36.96 -38.13
C ASP G 100 1.51 -35.60 -38.82
N GLY G 101 2.75 -35.17 -39.03
CA GLY G 101 3.04 -33.86 -39.59
C GLY G 101 3.23 -32.73 -38.59
N SER G 102 3.02 -32.95 -37.29
CA SER G 102 3.33 -31.95 -36.28
C SER G 102 4.81 -32.19 -35.97
N GLU G 103 5.61 -31.14 -35.93
CA GLU G 103 7.03 -31.32 -35.69
C GLU G 103 7.62 -30.11 -35.02
N GLU G 104 8.69 -30.32 -34.27
CA GLU G 104 9.45 -29.19 -33.80
C GLU G 104 10.19 -28.58 -34.97
N ILE G 105 10.18 -27.25 -35.07
CA ILE G 105 10.89 -26.57 -36.15
C ILE G 105 11.75 -25.46 -35.57
N PRO G 106 12.81 -25.04 -36.29
CA PRO G 106 13.53 -23.83 -35.89
C PRO G 106 12.70 -22.58 -36.22
N ASN G 107 13.19 -21.39 -35.86
CA ASN G 107 12.43 -20.16 -36.07
C ASN G 107 12.17 -19.94 -37.55
N PRO G 108 10.92 -20.06 -37.99
CA PRO G 108 10.59 -19.84 -39.40
C PRO G 108 10.25 -18.39 -39.75
N PHE G 109 10.32 -17.46 -38.80
CA PHE G 109 9.84 -16.10 -39.04
C PHE G 109 11.00 -15.10 -39.05
N VAL G 110 10.66 -13.87 -39.48
CA VAL G 110 11.59 -12.79 -39.78
C VAL G 110 12.13 -12.19 -38.49
N GLN G 111 13.42 -11.86 -38.49
CA GLN G 111 14.01 -11.09 -37.41
C GLN G 111 14.10 -9.62 -37.80
N MET H 1 -25.40 -2.48 -26.89
CA MET H 1 -24.82 -2.22 -25.57
C MET H 1 -24.47 -0.75 -25.40
N SER H 2 -24.03 -0.41 -24.18
CA SER H 2 -23.45 0.89 -23.94
C SER H 2 -22.32 1.13 -24.93
N LEU H 3 -21.74 0.02 -25.42
CA LEU H 3 -20.71 0.04 -26.43
C LEU H 3 -21.17 0.61 -27.76
N ALA H 4 -22.46 0.59 -28.06
CA ALA H 4 -22.90 1.32 -29.24
C ALA H 4 -22.47 2.79 -29.19
N ASP H 5 -22.32 3.36 -27.99
CA ASP H 5 -21.84 4.74 -27.83
C ASP H 5 -20.42 4.94 -28.32
N PHE H 6 -19.59 3.88 -28.37
CA PHE H 6 -18.19 4.02 -28.77
C PHE H 6 -17.93 3.69 -30.23
N MET H 7 -18.95 3.31 -31.00
CA MET H 7 -18.72 2.82 -32.36
C MET H 7 -17.98 3.84 -33.21
N GLU H 8 -17.06 3.34 -34.03
CA GLU H 8 -16.30 4.15 -34.99
C GLU H 8 -15.42 5.19 -34.31
N GLN H 9 -15.10 4.99 -33.03
CA GLN H 9 -14.25 5.92 -32.30
C GLN H 9 -13.03 5.24 -31.71
N ARG H 10 -12.04 6.07 -31.36
CA ARG H 10 -10.85 5.56 -30.71
C ARG H 10 -11.22 5.03 -29.35
N VAL H 11 -10.73 3.85 -29.07
CA VAL H 11 -11.15 3.11 -27.89
C VAL H 11 -9.89 2.49 -27.33
N GLN H 12 -9.87 2.27 -26.02
CA GLN H 12 -8.72 1.73 -25.32
C GLN H 12 -9.20 0.55 -24.48
N VAL H 13 -8.73 -0.64 -24.80
CA VAL H 13 -9.20 -1.85 -24.16
C VAL H 13 -8.17 -2.25 -23.14
N ILE H 14 -8.64 -2.54 -21.94
CA ILE H 14 -7.83 -3.18 -20.90
C ILE H 14 -8.35 -4.59 -20.86
N THR H 15 -7.44 -5.54 -21.05
CA THR H 15 -7.76 -6.95 -21.12
C THR H 15 -7.49 -7.66 -19.80
N ASN H 16 -7.98 -8.89 -19.71
CA ASN H 16 -7.86 -9.62 -18.45
C ASN H 16 -6.42 -9.97 -18.12
N ASP H 17 -5.53 -10.04 -19.12
CA ASP H 17 -4.10 -10.28 -18.93
C ASP H 17 -3.30 -8.98 -18.79
N GLY H 18 -3.98 -7.87 -18.57
CA GLY H 18 -3.37 -6.60 -18.25
C GLY H 18 -2.92 -5.74 -19.44
N ARG H 19 -3.23 -6.14 -20.67
CA ARG H 19 -2.73 -5.40 -21.83
C ARG H 19 -3.65 -4.25 -22.22
N VAL H 20 -3.08 -3.26 -22.90
CA VAL H 20 -3.77 -2.03 -23.30
C VAL H 20 -3.69 -1.97 -24.81
N VAL H 21 -4.82 -2.06 -25.50
CA VAL H 21 -4.79 -1.98 -26.95
C VAL H 21 -5.84 -0.96 -27.37
N LEU H 22 -5.44 -0.06 -28.26
CA LEU H 22 -6.24 1.05 -28.75
C LEU H 22 -6.66 0.77 -30.18
N GLY H 23 -7.84 1.22 -30.56
CA GLY H 23 -8.22 1.16 -31.96
C GLY H 23 -9.60 1.69 -32.19
N SER H 24 -10.01 1.69 -33.44
CA SER H 24 -11.35 2.15 -33.79
C SER H 24 -12.30 0.98 -33.57
N LEU H 25 -13.36 1.20 -32.81
CA LEU H 25 -14.30 0.12 -32.52
C LEU H 25 -15.18 -0.05 -33.75
N LYS H 26 -15.07 -1.19 -34.44
CA LYS H 26 -15.87 -1.46 -35.63
C LYS H 26 -17.07 -2.36 -35.37
N GLY H 27 -17.12 -3.02 -34.23
CA GLY H 27 -18.29 -3.79 -33.89
C GLY H 27 -18.07 -4.55 -32.60
N PHE H 28 -19.18 -5.00 -32.02
CA PHE H 28 -19.17 -5.78 -30.79
C PHE H 28 -20.41 -6.65 -30.79
N ASP H 29 -20.50 -7.58 -29.82
CA ASP H 29 -21.72 -8.36 -29.63
C ASP H 29 -21.96 -8.53 -28.14
N HIS H 30 -23.02 -9.28 -27.81
CA HIS H 30 -23.55 -9.43 -26.45
C HIS H 30 -22.64 -10.17 -25.49
N THR H 31 -21.55 -10.75 -25.96
CA THR H 31 -20.55 -11.28 -25.03
C THR H 31 -19.36 -10.35 -24.90
N THR H 32 -19.41 -9.19 -25.54
CA THR H 32 -18.35 -8.16 -25.59
C THR H 32 -17.15 -8.54 -26.46
N ASN H 33 -17.24 -9.55 -27.34
CA ASN H 33 -16.25 -9.63 -28.43
C ASN H 33 -16.15 -8.30 -29.16
N LEU H 34 -14.95 -7.92 -29.58
CA LEU H 34 -14.81 -6.62 -30.25
C LEU H 34 -13.98 -6.70 -31.54
N ILE H 35 -14.31 -5.83 -32.49
CA ILE H 35 -13.46 -5.56 -33.64
C ILE H 35 -12.92 -4.16 -33.46
N LEU H 36 -11.61 -4.04 -33.45
CA LEU H 36 -10.89 -2.80 -33.50
C LEU H 36 -10.11 -2.77 -34.80
N SER H 37 -10.11 -1.63 -35.45
CA SER H 37 -9.28 -1.55 -36.62
C SER H 37 -8.22 -0.48 -36.40
N ASP H 38 -7.16 -0.60 -37.20
CA ASP H 38 -5.97 0.23 -37.06
C ASP H 38 -5.50 0.32 -35.60
N SER H 39 -5.52 -0.81 -34.93
CA SER H 39 -5.24 -0.85 -33.52
C SER H 39 -3.74 -1.03 -33.24
N PHE H 40 -3.36 -0.68 -32.02
CA PHE H 40 -2.00 -0.88 -31.54
C PHE H 40 -2.06 -1.01 -30.02
N GLU H 41 -1.07 -1.68 -29.47
CA GLU H 41 -0.93 -1.84 -28.03
C GLU H 41 0.09 -0.86 -27.46
N ARG H 42 -0.16 -0.41 -26.22
CA ARG H 42 0.79 0.40 -25.46
C ARG H 42 1.29 -0.44 -24.27
N ILE H 43 2.61 -0.52 -24.13
CA ILE H 43 3.28 -1.17 -23.01
C ILE H 43 3.98 -0.06 -22.22
N ILE H 44 3.32 0.36 -21.18
CA ILE H 44 3.83 1.27 -20.17
C ILE H 44 4.56 0.46 -19.10
N SER H 45 5.72 0.96 -18.64
CA SER H 45 6.54 0.30 -17.65
C SER H 45 6.99 1.33 -16.64
N MET H 46 7.68 0.87 -15.60
CA MET H 46 8.38 1.78 -14.71
C MET H 46 9.85 1.89 -15.05
N ASP H 47 10.46 0.80 -15.57
CA ASP H 47 11.89 0.70 -15.81
C ASP H 47 12.29 1.30 -17.17
N GLN H 48 11.38 1.21 -18.15
CA GLN H 48 11.69 1.59 -19.53
C GLN H 48 10.53 2.41 -20.06
N ASP H 49 10.84 3.17 -21.12
CA ASP H 49 9.88 3.99 -21.83
C ASP H 49 8.72 3.18 -22.39
N MET H 50 7.66 3.89 -22.72
CA MET H 50 6.46 3.26 -23.25
C MET H 50 6.77 2.67 -24.61
N GLU H 51 6.30 1.44 -24.85
CA GLU H 51 6.40 0.77 -26.14
C GLU H 51 5.06 0.84 -26.87
N THR H 52 5.10 0.98 -28.18
CA THR H 52 3.90 0.97 -29.02
C THR H 52 4.07 -0.10 -30.07
N ILE H 53 3.21 -1.11 -30.06
CA ILE H 53 3.28 -2.22 -31.00
C ILE H 53 2.09 -2.11 -31.96
N PRO H 54 2.30 -2.06 -33.27
CA PRO H 54 1.16 -2.05 -34.21
C PRO H 54 0.52 -3.43 -34.30
N LEU H 55 -0.83 -3.47 -34.32
CA LEU H 55 -1.60 -4.72 -34.33
C LEU H 55 -2.61 -4.91 -35.47
N GLY H 56 -2.95 -3.85 -36.20
CA GLY H 56 -3.87 -3.98 -37.34
C GLY H 56 -5.31 -4.19 -36.89
N VAL H 57 -6.01 -5.13 -37.54
CA VAL H 57 -7.39 -5.43 -37.15
C VAL H 57 -7.34 -6.49 -36.07
N TYR H 58 -8.07 -6.25 -34.98
CA TYR H 58 -7.96 -7.00 -33.74
C TYR H 58 -9.35 -7.40 -33.30
N LEU H 59 -9.61 -8.70 -33.32
CA LEU H 59 -10.85 -9.26 -32.76
C LEU H 59 -10.56 -9.82 -31.37
N LEU H 60 -11.24 -9.26 -30.35
CA LEU H 60 -11.02 -9.60 -28.94
C LEU H 60 -12.18 -10.41 -28.40
N ARG H 61 -11.87 -11.54 -27.78
CA ARG H 61 -12.91 -12.39 -27.20
C ARG H 61 -13.42 -11.80 -25.88
N GLY H 62 -14.72 -11.74 -25.72
CA GLY H 62 -15.28 -10.99 -24.61
C GLY H 62 -14.86 -11.50 -23.23
N GLU H 63 -14.68 -12.82 -23.09
CA GLU H 63 -14.17 -13.41 -21.85
C GLU H 63 -12.92 -12.70 -21.35
N ASN H 64 -12.17 -12.05 -22.23
CA ASN H 64 -10.89 -11.45 -21.87
C ASN H 64 -10.93 -9.93 -21.73
N VAL H 65 -12.09 -9.32 -21.87
CA VAL H 65 -12.23 -7.87 -21.81
C VAL H 65 -12.61 -7.41 -20.39
N ALA H 66 -11.80 -6.54 -19.80
CA ALA H 66 -12.17 -5.93 -18.52
C ALA H 66 -12.81 -4.58 -18.77
N MET H 67 -12.17 -3.69 -19.54
CA MET H 67 -12.71 -2.34 -19.73
C MET H 67 -12.50 -1.88 -21.17
N VAL H 68 -13.42 -1.06 -21.63
CA VAL H 68 -13.31 -0.33 -22.91
C VAL H 68 -13.52 1.15 -22.65
N GLY H 69 -12.45 1.95 -22.82
CA GLY H 69 -12.50 3.38 -22.58
C GLY H 69 -12.55 4.17 -23.88
N LEU H 70 -13.30 5.27 -23.87
CA LEU H 70 -13.38 6.19 -25.00
C LEU H 70 -12.25 7.19 -24.85
N VAL H 71 -11.36 7.25 -25.85
CA VAL H 71 -10.16 8.10 -25.75
C VAL H 71 -10.46 9.55 -26.11
N ASN H 72 -10.19 10.48 -25.19
CA ASN H 72 -10.49 11.87 -25.50
C ASN H 72 -9.30 12.44 -26.25
N GLU H 73 -9.53 12.76 -27.52
CA GLU H 73 -8.40 13.11 -28.37
C GLU H 73 -7.69 14.38 -27.93
N GLU H 74 -8.43 15.37 -27.45
CA GLU H 74 -7.76 16.60 -27.02
C GLU H 74 -6.93 16.34 -25.79
N LEU H 75 -7.56 15.75 -24.78
CA LEU H 75 -6.85 15.34 -23.56
C LEU H 75 -5.67 14.40 -23.85
N ASP H 76 -5.86 13.46 -24.77
CA ASP H 76 -4.82 12.50 -25.16
C ASP H 76 -3.73 13.14 -25.98
N SER H 77 -4.09 14.16 -26.76
CA SER H 77 -3.14 14.96 -27.50
C SER H 77 -2.27 15.76 -26.54
N GLU H 78 -2.86 16.15 -25.40
CA GLU H 78 -2.15 16.93 -24.40
C GLU H 78 -1.08 16.11 -23.67
N ILE H 79 -1.14 14.77 -23.74
CA ILE H 79 -0.28 13.87 -22.98
C ILE H 79 0.88 13.46 -23.87
N GLU H 80 2.11 13.48 -23.32
CA GLU H 80 3.31 12.96 -24.01
C GLU H 80 3.59 11.56 -23.49
N TRP H 81 2.96 10.59 -24.14
CA TRP H 81 3.01 9.20 -23.73
C TRP H 81 4.39 8.58 -23.82
N THR H 82 5.31 9.16 -24.61
CA THR H 82 6.65 8.56 -24.74
C THR H 82 7.36 8.48 -23.39
N LYS H 83 7.42 9.60 -22.66
CA LYS H 83 8.09 9.70 -21.37
C LYS H 83 7.19 9.34 -20.18
N ILE H 84 6.24 8.42 -20.36
CA ILE H 84 5.31 8.06 -19.29
C ILE H 84 5.72 6.73 -18.67
N ARG H 85 5.74 6.70 -17.34
CA ARG H 85 6.04 5.50 -16.59
C ARG H 85 4.87 5.19 -15.66
N GLY H 86 4.69 3.90 -15.40
CA GLY H 86 3.59 3.43 -14.58
C GLY H 86 3.75 1.96 -14.28
N GLU H 87 2.92 1.48 -13.37
CA GLU H 87 2.95 0.09 -12.95
C GLU H 87 2.18 -0.78 -13.94
N ALA H 88 2.58 -2.05 -14.03
CA ALA H 88 1.83 -3.03 -14.81
C ALA H 88 0.41 -3.21 -14.29
N ILE H 89 -0.55 -3.24 -15.20
CA ILE H 89 -1.94 -3.53 -14.82
C ILE H 89 -2.04 -4.98 -14.36
N PRO H 90 -2.64 -5.28 -13.22
CA PRO H 90 -2.69 -6.66 -12.75
C PRO H 90 -3.61 -7.51 -13.61
N ASP H 91 -3.40 -8.83 -13.58
CA ASP H 91 -4.33 -9.72 -14.27
C ASP H 91 -5.66 -9.75 -13.49
N VAL H 92 -6.78 -9.91 -14.20
CA VAL H 92 -8.03 -10.25 -13.52
C VAL H 92 -7.93 -11.68 -12.97
N VAL H 93 -8.20 -11.86 -11.66
CA VAL H 93 -8.27 -13.20 -11.06
C VAL H 93 -9.70 -13.46 -10.64
N HIS H 94 -10.34 -14.45 -11.25
CA HIS H 94 -11.73 -14.74 -10.88
C HIS H 94 -11.96 -15.62 -9.67
N MET J 1 21.13 2.92 29.74
CA MET J 1 21.92 1.77 29.32
C MET J 1 21.08 0.48 29.15
N LEU J 2 19.81 0.50 29.57
CA LEU J 2 19.04 -0.74 29.50
C LEU J 2 18.90 -1.21 28.07
N PHE J 3 18.46 -0.32 27.18
CA PHE J 3 18.18 -0.73 25.80
C PHE J 3 19.43 -0.74 24.93
N TYR J 4 20.40 0.11 25.26
CA TYR J 4 21.70 -0.06 24.62
C TYR J 4 22.24 -1.47 24.88
N SER J 5 22.18 -1.96 26.13
CA SER J 5 22.60 -3.34 26.42
C SER J 5 21.71 -4.35 25.70
N PHE J 6 20.41 -4.10 25.67
CA PHE J 6 19.52 -5.03 25.00
C PHE J 6 19.93 -5.21 23.54
N PHE J 7 20.13 -4.11 22.82
CA PHE J 7 20.52 -4.21 21.42
C PHE J 7 21.88 -4.85 21.26
N LYS J 8 22.77 -4.63 22.21
CA LYS J 8 24.05 -5.30 22.13
C LYS J 8 23.87 -6.81 22.11
N THR J 9 22.90 -7.35 22.88
CA THR J 9 22.74 -8.80 22.82
C THR J 9 22.21 -9.30 21.47
N LEU J 10 21.68 -8.41 20.64
CA LEU J 10 21.19 -8.82 19.34
C LEU J 10 22.24 -8.63 18.23
N ILE J 11 23.45 -8.16 18.56
CA ILE J 11 24.47 -8.07 17.53
C ILE J 11 24.65 -9.47 16.96
N ASP J 12 24.81 -9.54 15.63
CA ASP J 12 24.92 -10.75 14.81
C ASP J 12 23.53 -11.33 14.52
N THR J 13 22.44 -10.72 14.98
CA THR J 13 21.10 -11.21 14.68
C THR J 13 20.38 -10.23 13.76
N GLU J 14 19.35 -10.72 13.08
CA GLU J 14 18.60 -9.92 12.11
C GLU J 14 17.51 -9.02 12.73
N VAL J 15 17.51 -7.74 12.39
CA VAL J 15 16.45 -6.84 12.83
C VAL J 15 15.89 -6.13 11.62
N THR J 16 14.73 -5.52 11.81
CA THR J 16 14.14 -4.61 10.84
C THR J 16 13.90 -3.31 11.59
N VAL J 17 14.48 -2.23 11.10
CA VAL J 17 14.40 -0.91 11.71
C VAL J 17 13.42 -0.11 10.91
N GLU J 18 12.33 0.32 11.53
CA GLU J 18 11.37 1.20 10.83
C GLU J 18 11.69 2.64 11.23
N LEU J 19 11.84 3.50 10.25
CA LEU J 19 12.31 4.85 10.52
C LEU J 19 11.15 5.82 10.52
N LYS J 20 11.41 7.01 11.05
CA LYS J 20 10.38 8.02 11.10
C LYS J 20 10.09 8.63 9.74
N ASN J 21 10.79 8.23 8.67
CA ASN J 21 10.35 8.59 7.32
C ASN J 21 9.60 7.43 6.64
N ASP J 22 9.18 6.42 7.40
CA ASP J 22 8.34 5.29 6.97
C ASP J 22 9.11 4.25 6.17
N MET J 23 10.39 4.47 5.90
CA MET J 23 11.21 3.38 5.38
C MET J 23 11.42 2.32 6.44
N SER J 24 11.51 1.07 6.01
CA SER J 24 11.87 -0.01 6.93
C SER J 24 13.07 -0.66 6.29
N ILE J 25 14.08 -0.95 7.09
CA ILE J 25 15.31 -1.51 6.60
C ILE J 25 15.60 -2.79 7.37
N ARG J 26 15.80 -3.88 6.65
CA ARG J 26 16.12 -5.17 7.25
C ARG J 26 17.62 -5.45 7.11
N GLY J 27 18.22 -6.01 8.15
CA GLY J 27 19.64 -6.32 8.06
C GLY J 27 20.14 -6.94 9.34
N ILE J 28 21.41 -7.35 9.32
CA ILE J 28 22.07 -7.96 10.47
C ILE J 28 22.61 -6.85 11.37
N LEU J 29 22.18 -6.83 12.62
CA LEU J 29 22.72 -5.87 13.57
C LEU J 29 24.18 -6.15 13.83
N LYS J 30 25.06 -5.19 13.57
CA LYS J 30 26.48 -5.39 13.89
C LYS J 30 26.97 -4.50 15.03
N SER J 31 26.29 -3.39 15.32
CA SER J 31 26.75 -2.44 16.34
C SER J 31 25.55 -1.61 16.80
N VAL J 32 25.63 -1.12 18.04
CA VAL J 32 24.63 -0.23 18.64
C VAL J 32 25.40 0.60 19.65
N ASP J 33 24.99 1.87 19.86
CA ASP J 33 25.71 2.63 20.91
C ASP J 33 24.81 3.30 21.93
N GLN J 34 25.41 4.12 22.81
CA GLN J 34 24.66 4.69 23.93
C GLN J 34 23.51 5.55 23.46
N PHE J 35 23.63 6.18 22.28
CA PHE J 35 22.53 6.97 21.73
C PHE J 35 21.51 6.10 21.01
N LEU J 36 21.76 4.77 20.97
CA LEU J 36 20.99 3.83 20.14
C LEU J 36 21.14 4.13 18.63
N ASN J 37 22.19 4.85 18.21
CA ASN J 37 22.61 4.72 16.82
C ASN J 37 22.82 3.24 16.51
N VAL J 38 22.52 2.84 15.30
CA VAL J 38 22.56 1.42 15.02
C VAL J 38 23.26 1.15 13.66
N LYS J 39 24.04 0.09 13.58
CA LYS J 39 24.64 -0.27 12.30
C LYS J 39 24.13 -1.62 11.83
N LEU J 40 23.61 -1.64 10.61
CA LEU J 40 23.09 -2.86 10.03
C LEU J 40 24.02 -3.24 8.89
N GLU J 41 24.22 -4.54 8.68
CA GLU J 41 25.06 -4.98 7.59
C GLU J 41 24.22 -5.85 6.64
N ASN J 42 24.62 -5.80 5.36
CA ASN J 42 23.92 -6.49 4.29
C ASN J 42 22.42 -6.22 4.34
N ILE J 43 22.07 -4.91 4.31
CA ILE J 43 20.67 -4.53 4.45
C ILE J 43 19.90 -4.86 3.18
N SER J 44 18.59 -5.03 3.34
CA SER J 44 17.70 -4.97 2.20
C SER J 44 16.52 -4.13 2.62
N VAL J 45 16.27 -3.06 1.87
CA VAL J 45 15.12 -2.21 2.13
C VAL J 45 13.86 -3.03 1.87
N VAL J 46 12.90 -2.97 2.80
CA VAL J 46 11.73 -3.87 2.70
C VAL J 46 10.98 -3.64 1.40
N ASP J 47 10.71 -2.39 1.03
CA ASP J 47 9.91 -2.10 -0.16
C ASP J 47 10.77 -1.51 -1.27
N ALA J 48 11.61 -2.37 -1.85
CA ALA J 48 12.73 -1.91 -2.64
C ALA J 48 12.26 -1.25 -3.93
N SER J 49 11.08 -1.63 -4.43
CA SER J 49 10.62 -0.98 -5.66
C SER J 49 10.15 0.45 -5.43
N LYS J 50 9.65 0.78 -4.23
CA LYS J 50 9.39 2.19 -3.91
C LYS J 50 10.68 2.98 -3.83
N TYR J 51 11.69 2.40 -3.21
CA TYR J 51 12.93 3.08 -2.87
C TYR J 51 14.18 2.41 -3.43
N PRO J 52 14.50 2.64 -4.71
CA PRO J 52 15.72 2.07 -5.31
C PRO J 52 16.97 2.83 -4.92
N HIS J 53 16.84 3.86 -4.07
CA HIS J 53 17.97 4.76 -3.81
C HIS J 53 19.10 4.01 -3.16
N MET J 54 18.78 2.92 -2.48
CA MET J 54 19.77 2.22 -1.70
C MET J 54 20.15 0.93 -2.38
N ALA J 55 19.96 0.91 -3.72
CA ALA J 55 20.28 -0.29 -4.48
C ALA J 55 21.75 -0.64 -4.45
N ALA J 56 22.63 0.31 -4.11
CA ALA J 56 24.05 -0.02 -4.07
C ALA J 56 24.62 -0.10 -2.66
N VAL J 57 23.80 0.01 -1.64
CA VAL J 57 24.27 0.00 -0.26
C VAL J 57 23.98 -1.33 0.44
N LYS J 58 25.02 -1.94 1.00
CA LYS J 58 24.90 -3.11 1.87
C LYS J 58 25.13 -2.80 3.34
N ASP J 59 26.06 -1.93 3.69
CA ASP J 59 26.31 -1.58 5.09
C ASP J 59 25.69 -0.21 5.29
N LEU J 60 25.04 -0.05 6.44
CA LEU J 60 24.16 1.10 6.63
C LEU J 60 24.28 1.54 8.08
N PHE J 61 24.48 2.82 8.29
CA PHE J 61 24.39 3.41 9.60
C PHE J 61 23.02 4.10 9.69
N ILE J 62 22.27 3.84 10.76
CA ILE J 62 20.96 4.46 10.98
C ILE J 62 21.06 5.25 12.26
N ARG J 63 20.69 6.52 12.20
CA ARG J 63 20.78 7.36 13.39
C ARG J 63 19.69 7.05 14.39
N GLY J 64 20.05 6.99 15.66
CA GLY J 64 19.08 6.56 16.65
C GLY J 64 17.86 7.45 16.74
N SER J 65 18.00 8.76 16.46
CA SER J 65 16.86 9.66 16.63
C SER J 65 15.77 9.45 15.56
N VAL J 66 16.06 8.76 14.45
CA VAL J 66 15.03 8.60 13.42
C VAL J 66 14.35 7.24 13.47
N VAL J 67 14.78 6.36 14.39
CA VAL J 67 14.08 5.08 14.58
C VAL J 67 12.73 5.30 15.26
N ARG J 68 11.69 4.71 14.68
CA ARG J 68 10.41 4.47 15.34
C ARG J 68 10.42 3.10 15.99
N TYR J 69 10.73 2.06 15.20
CA TYR J 69 10.79 0.71 15.75
C TYR J 69 12.06 0.00 15.33
N VAL J 70 12.50 -0.96 16.15
CA VAL J 70 13.36 -2.05 15.66
C VAL J 70 12.57 -3.27 16.06
N HIS J 71 12.18 -4.10 15.07
CA HIS J 71 11.45 -5.32 15.40
C HIS J 71 12.13 -6.58 14.90
N MET J 72 11.94 -7.65 15.66
CA MET J 72 12.80 -8.80 15.55
C MET J 72 12.04 -10.04 16.01
N SER J 73 12.56 -11.19 15.63
CA SER J 73 11.98 -12.45 16.07
C SER J 73 12.26 -12.55 17.56
N SER J 74 11.28 -13.08 18.28
CA SER J 74 11.42 -13.37 19.70
C SER J 74 12.48 -14.42 20.03
N ALA J 75 12.98 -15.20 19.06
CA ALA J 75 13.89 -16.30 19.42
C ALA J 75 15.23 -15.83 20.01
N TYR J 76 15.69 -14.62 19.70
CA TYR J 76 16.99 -14.16 20.22
C TYR J 76 16.84 -13.16 21.36
N VAL J 77 15.64 -13.05 21.93
CA VAL J 77 15.32 -12.14 23.02
C VAL J 77 14.91 -13.03 24.20
N ASP J 78 15.65 -12.92 25.32
CA ASP J 78 15.22 -13.54 26.57
C ASP J 78 14.44 -12.48 27.35
N THR J 79 13.10 -12.61 27.35
CA THR J 79 12.26 -11.57 27.94
C THR J 79 12.25 -11.62 29.46
N ILE J 80 12.55 -12.78 30.02
CA ILE J 80 12.79 -12.87 31.46
C ILE J 80 13.99 -12.03 31.83
N LEU J 81 15.08 -12.15 31.06
CA LEU J 81 16.25 -11.35 31.38
C LEU J 81 15.97 -9.89 31.16
N LEU J 82 15.17 -9.58 30.13
CA LEU J 82 14.85 -8.22 29.82
C LEU J 82 14.02 -7.56 30.92
N ALA J 83 12.96 -8.24 31.38
CA ALA J 83 12.13 -7.68 32.43
C ALA J 83 12.90 -7.55 33.74
N ASP J 84 13.71 -8.56 34.09
CA ASP J 84 14.53 -8.47 35.29
C ASP J 84 15.55 -7.34 35.24
N ALA J 85 16.24 -7.18 34.11
CA ALA J 85 17.21 -6.08 33.98
C ALA J 85 16.53 -4.74 34.12
N CYS J 86 15.33 -4.63 33.56
CA CYS J 86 14.53 -3.41 33.66
C CYS J 86 14.16 -3.09 35.09
N ARG J 87 13.71 -4.08 35.79
CA ARG J 87 13.37 -3.91 37.19
C ARG J 87 14.61 -3.47 37.96
N ARG J 88 15.77 -3.96 37.55
CA ARG J 88 17.02 -3.60 38.21
C ARG J 88 17.49 -2.20 37.81
N ASP J 89 17.07 -1.74 36.65
CA ASP J 89 17.41 -0.39 36.21
C ASP J 89 16.67 0.72 36.98
N GLU K 11 7.22 10.48 40.10
CA GLU K 11 6.07 9.60 40.34
C GLU K 11 5.12 9.27 39.12
N PRO K 12 4.97 10.16 38.11
CA PRO K 12 4.16 9.75 36.93
C PRO K 12 4.56 8.42 36.31
N LEU K 13 5.86 8.12 36.17
CA LEU K 13 6.29 6.86 35.55
C LEU K 13 5.87 5.63 36.34
N ASP K 14 5.53 5.79 37.62
CA ASP K 14 5.10 4.64 38.42
C ASP K 14 3.89 3.93 37.82
N LEU K 15 2.98 4.66 37.17
CA LEU K 15 1.86 4.03 36.46
C LEU K 15 2.34 3.02 35.41
N VAL K 16 3.28 3.43 34.54
CA VAL K 16 3.66 2.44 33.55
C VAL K 16 4.44 1.35 34.25
N ARG K 17 5.08 1.66 35.39
CA ARG K 17 5.72 0.56 36.12
C ARG K 17 4.66 -0.47 36.51
N LEU K 18 3.46 0.01 36.83
CA LEU K 18 2.44 -0.97 37.21
C LEU K 18 1.99 -1.76 36.01
N SER K 19 2.34 -1.32 34.81
CA SER K 19 1.91 -2.07 33.63
C SER K 19 3.01 -3.04 33.15
N LEU K 20 4.18 -3.04 33.81
CA LEU K 20 5.29 -3.92 33.45
C LEU K 20 4.91 -5.41 33.49
N ASP K 21 5.19 -6.11 32.39
CA ASP K 21 4.86 -7.51 32.17
C ASP K 21 3.37 -7.70 32.02
N GLU K 22 2.64 -6.59 31.91
CA GLU K 22 1.23 -6.57 31.61
C GLU K 22 1.03 -6.05 30.19
N ILE K 23 -0.12 -6.35 29.61
CA ILE K 23 -0.49 -5.82 28.30
C ILE K 23 -0.80 -4.34 28.44
N VAL K 24 -0.22 -3.52 27.56
CA VAL K 24 -0.55 -2.11 27.50
C VAL K 24 -1.07 -1.72 26.12
N TYR K 25 -1.84 -0.61 26.12
CA TYR K 25 -2.19 0.13 24.93
C TYR K 25 -1.26 1.33 24.89
N VAL K 26 -0.67 1.60 23.73
CA VAL K 26 0.23 2.72 23.55
C VAL K 26 -0.30 3.51 22.37
N LYS K 27 -0.51 4.80 22.56
CA LYS K 27 -0.92 5.67 21.48
C LYS K 27 0.33 6.46 21.11
N LEU K 28 0.63 6.50 19.82
CA LEU K 28 1.88 7.05 19.34
C LEU K 28 1.59 8.23 18.41
N ARG K 29 2.58 9.12 18.27
CA ARG K 29 2.44 10.15 17.25
C ARG K 29 2.28 9.51 15.89
N GLY K 30 1.60 10.22 15.00
CA GLY K 30 1.39 9.76 13.65
C GLY K 30 0.19 8.84 13.45
N ASP K 31 -0.81 8.93 14.32
CA ASP K 31 -2.04 8.13 14.19
C ASP K 31 -1.74 6.63 14.13
N ARG K 32 -0.92 6.18 15.08
CA ARG K 32 -0.53 4.79 15.25
C ARG K 32 -0.81 4.33 16.67
N GLU K 33 -1.18 3.06 16.82
CA GLU K 33 -1.47 2.50 18.15
C GLU K 33 -0.87 1.11 18.24
N LEU K 34 -0.44 0.72 19.44
CA LEU K 34 0.14 -0.59 19.69
C LEU K 34 -0.58 -1.26 20.86
N ASN K 35 -0.76 -2.56 20.77
CA ASN K 35 -1.18 -3.34 21.93
C ASN K 35 -0.18 -4.45 22.09
N GLY K 36 0.43 -4.50 23.26
CA GLY K 36 1.41 -5.55 23.43
C GLY K 36 1.76 -5.68 24.88
N ARG K 37 2.62 -6.65 25.17
CA ARG K 37 3.01 -6.91 26.53
C ARG K 37 4.30 -6.16 26.82
N LEU K 38 4.27 -5.27 27.82
CA LEU K 38 5.39 -4.41 28.13
C LEU K 38 6.43 -5.25 28.87
N HIS K 39 7.58 -5.49 28.25
CA HIS K 39 8.64 -6.25 28.89
C HIS K 39 9.76 -5.39 29.43
N ALA K 40 9.84 -4.14 29.00
CA ALA K 40 10.91 -3.26 29.46
C ALA K 40 10.58 -1.83 29.06
N TYR K 41 11.10 -0.89 29.86
CA TYR K 41 11.01 0.52 29.52
C TYR K 41 12.14 1.28 30.20
N ASP K 42 12.33 2.51 29.76
CA ASP K 42 13.22 3.40 30.49
C ASP K 42 12.58 4.76 30.73
N GLU K 43 13.39 5.71 31.21
CA GLU K 43 12.89 7.04 31.55
C GLU K 43 12.48 7.86 30.33
N HIS K 44 12.83 7.45 29.10
CA HIS K 44 12.31 8.12 27.90
C HIS K 44 11.01 7.52 27.44
N LEU K 45 10.56 6.45 28.09
CA LEU K 45 9.50 5.61 27.56
C LEU K 45 9.91 4.88 26.27
N ASN K 46 11.21 4.71 26.01
CA ASN K 46 11.61 3.61 25.15
C ASN K 46 10.95 2.37 25.72
N MET K 47 10.50 1.47 24.85
CA MET K 47 9.84 0.28 25.39
C MET K 47 10.16 -0.87 24.46
N VAL K 48 10.13 -2.08 25.02
CA VAL K 48 10.08 -3.27 24.17
C VAL K 48 8.78 -3.94 24.51
N LEU K 49 7.93 -4.15 23.50
CA LEU K 49 6.68 -4.87 23.68
C LEU K 49 6.76 -6.19 22.91
N GLY K 50 6.28 -7.25 23.54
CA GLY K 50 6.21 -8.56 22.93
C GLY K 50 4.82 -8.86 22.44
N ASP K 51 4.74 -9.62 21.36
CA ASP K 51 3.45 -10.07 20.84
C ASP K 51 2.55 -8.87 20.64
N ALA K 52 3.09 -7.93 19.89
CA ALA K 52 2.52 -6.61 19.69
C ALA K 52 1.72 -6.57 18.41
N GLU K 53 0.62 -5.82 18.43
CA GLU K 53 -0.17 -5.49 17.26
C GLU K 53 -0.05 -3.99 17.01
N GLU K 54 0.22 -3.60 15.77
CA GLU K 54 0.25 -2.20 15.39
C GLU K 54 -0.96 -1.94 14.53
N ILE K 55 -1.62 -0.84 14.81
CA ILE K 55 -2.72 -0.32 14.03
C ILE K 55 -2.33 1.03 13.48
N VAL K 56 -2.36 1.19 12.15
CA VAL K 56 -2.08 2.47 11.50
C VAL K 56 -3.36 3.00 10.88
N THR K 57 -3.74 4.21 11.23
CA THR K 57 -4.94 4.79 10.64
C THR K 57 -4.49 5.74 9.53
N ILE K 58 -5.03 5.53 8.33
CA ILE K 58 -4.69 6.25 7.12
C ILE K 58 -5.87 7.13 6.73
N PHE K 59 -5.58 8.42 6.48
CA PHE K 59 -6.56 9.38 6.01
C PHE K 59 -6.31 9.69 4.53
N LYS K 68 -12.19 12.15 8.69
CA LYS K 68 -12.66 10.78 8.52
C LYS K 68 -11.54 9.90 7.98
N ALA K 69 -11.31 8.75 8.62
CA ALA K 69 -10.22 7.84 8.22
C ALA K 69 -10.53 7.18 6.88
N LEU K 70 -9.47 6.94 6.11
CA LEU K 70 -9.61 6.23 4.84
C LEU K 70 -9.49 4.71 4.99
N LYS K 71 -8.66 4.23 5.91
CA LYS K 71 -8.54 2.79 6.16
C LYS K 71 -7.62 2.62 7.34
N THR K 72 -7.52 1.40 7.86
CA THR K 72 -6.52 1.08 8.89
C THR K 72 -5.75 -0.17 8.49
N ILE K 73 -4.49 -0.22 8.90
CA ILE K 73 -3.58 -1.31 8.55
C ILE K 73 -3.05 -1.92 9.84
N ARG K 74 -3.27 -3.22 10.03
CA ARG K 74 -2.78 -3.92 11.21
C ARG K 74 -1.64 -4.87 10.84
N LYS K 75 -0.59 -4.82 11.64
CA LYS K 75 0.56 -5.69 11.49
C LYS K 75 0.84 -6.31 12.85
N HIS K 76 1.41 -7.50 12.86
CA HIS K 76 1.82 -8.16 14.09
C HIS K 76 3.35 -8.22 14.16
N TYR K 77 3.88 -8.02 15.37
CA TYR K 77 5.31 -8.10 15.59
C TYR K 77 5.55 -9.02 16.79
N GLU K 78 6.40 -10.04 16.61
CA GLU K 78 6.72 -10.92 17.74
C GLU K 78 7.33 -10.11 18.87
N MET K 79 8.30 -9.25 18.56
CA MET K 79 8.96 -8.39 19.54
C MET K 79 9.20 -7.06 18.85
N LEU K 80 9.02 -5.95 19.58
CA LEU K 80 9.02 -4.65 18.93
C LEU K 80 9.55 -3.64 19.92
N PHE K 81 10.71 -3.05 19.62
CA PHE K 81 11.14 -1.87 20.36
C PHE K 81 10.49 -0.65 19.73
N VAL K 82 9.88 0.20 20.56
CA VAL K 82 9.23 1.45 20.12
C VAL K 82 9.99 2.56 20.84
N ARG K 83 10.51 3.53 20.07
CA ARG K 83 11.24 4.66 20.67
C ARG K 83 10.38 5.62 21.46
N GLY K 84 10.90 6.10 22.60
CA GLY K 84 10.02 6.80 23.52
C GLY K 84 9.49 8.11 22.95
N ASP K 85 10.26 8.77 22.07
CA ASP K 85 9.84 10.10 21.63
C ASP K 85 8.62 10.03 20.73
N SER K 86 8.21 8.85 20.30
CA SER K 86 6.95 8.70 19.58
C SER K 86 5.74 8.53 20.50
N VAL K 87 5.96 8.28 21.77
CA VAL K 87 4.85 7.89 22.62
C VAL K 87 4.04 9.12 23.01
N ILE K 88 2.73 9.04 22.83
CA ILE K 88 1.81 10.03 23.35
C ILE K 88 1.20 9.58 24.66
N LEU K 89 0.65 8.36 24.70
CA LEU K 89 0.11 7.93 25.99
C LEU K 89 0.16 6.41 26.13
N ILE K 90 0.11 5.95 27.38
CA ILE K 90 0.15 4.54 27.73
C ILE K 90 -1.02 4.29 28.70
N ALA K 91 -1.79 3.25 28.43
CA ALA K 91 -3.01 3.01 29.18
C ALA K 91 -3.25 1.51 29.28
N PRO K 92 -4.17 1.09 30.16
CA PRO K 92 -4.64 -0.28 30.10
C PRO K 92 -5.33 -0.55 28.76
N PRO K 93 -5.32 -1.81 28.29
CA PRO K 93 -5.93 -2.11 26.98
C PRO K 93 -7.46 -1.99 26.96
N MET L 1 39.01 13.81 10.31
CA MET L 1 38.96 15.25 10.52
C MET L 1 37.60 15.64 11.11
N LEU L 2 37.62 16.43 12.18
CA LEU L 2 36.32 16.73 12.81
C LEU L 2 35.60 17.86 12.08
N PRO L 3 34.27 17.78 12.00
CA PRO L 3 33.50 18.84 11.32
C PRO L 3 33.73 20.22 11.90
N LEU L 4 33.86 20.32 13.22
CA LEU L 4 34.09 21.65 13.79
C LEU L 4 35.49 22.13 13.47
N THR L 5 36.44 21.23 13.24
CA THR L 5 37.75 21.68 12.77
C THR L 5 37.61 22.34 11.40
N LEU L 6 36.82 21.72 10.51
CA LEU L 6 36.58 22.34 9.22
C LEU L 6 35.84 23.67 9.34
N LEU L 7 34.81 23.72 10.19
CA LEU L 7 34.02 24.96 10.30
C LEU L 7 34.79 26.13 10.91
N ASN L 8 35.49 25.91 12.02
CA ASN L 8 36.35 26.96 12.55
C ASN L 8 37.50 27.30 11.61
N ALA L 9 38.02 26.34 10.85
CA ALA L 9 39.10 26.71 9.94
C ALA L 9 38.61 27.49 8.73
N THR L 10 37.32 27.47 8.44
CA THR L 10 36.73 28.30 7.39
C THR L 10 36.27 29.65 7.89
N GLN L 11 36.52 29.99 9.16
CA GLN L 11 36.15 31.35 9.60
C GLN L 11 36.79 32.48 8.76
N GLY L 12 35.99 33.50 8.42
CA GLY L 12 36.46 34.57 7.53
C GLY L 12 36.30 34.36 6.04
N ARG L 13 35.81 33.22 5.62
CA ARG L 13 35.74 32.84 4.20
C ARG L 13 34.30 32.63 3.77
N PRO L 14 34.04 32.60 2.47
CA PRO L 14 32.68 32.33 2.05
C PRO L 14 32.26 30.94 2.47
N ILE L 15 30.95 30.85 2.67
CA ILE L 15 30.25 29.69 3.18
C ILE L 15 28.83 29.85 2.68
N LEU L 16 28.18 28.73 2.42
CA LEU L 16 26.75 28.77 2.12
C LEU L 16 26.05 27.94 3.19
N VAL L 17 24.98 28.49 3.78
CA VAL L 17 24.28 27.82 4.87
C VAL L 17 22.86 27.65 4.40
N GLU L 18 22.32 26.44 4.51
CA GLU L 18 20.90 26.26 4.28
C GLU L 18 20.30 25.78 5.57
N LEU L 19 19.24 26.48 5.97
CA LEU L 19 18.50 26.30 7.19
C LEU L 19 17.29 25.41 6.94
N LYS L 20 16.73 24.89 8.03
CA LYS L 20 15.56 24.04 7.94
C LYS L 20 14.41 24.73 7.20
N ASN L 21 14.23 26.03 7.41
CA ASN L 21 13.12 26.65 6.68
C ASN L 21 13.38 26.80 5.18
N GLY L 22 14.55 26.38 4.69
CA GLY L 22 14.86 26.44 3.29
C GLY L 22 15.50 27.73 2.79
N GLU L 23 15.60 28.79 3.61
CA GLU L 23 16.35 29.96 3.16
C GLU L 23 17.83 29.63 3.19
N THR L 24 18.60 30.20 2.26
CA THR L 24 20.05 30.03 2.31
C THR L 24 20.77 31.38 2.42
N PHE L 25 21.95 31.33 3.03
CA PHE L 25 22.76 32.50 3.28
C PHE L 25 24.15 32.26 2.73
N ASN L 26 24.60 33.18 1.87
CA ASN L 26 25.95 33.20 1.32
C ASN L 26 26.68 34.34 1.99
N GLY L 27 27.78 34.04 2.68
CA GLY L 27 28.54 35.12 3.29
C GLY L 27 29.90 34.65 3.74
N HIS L 28 30.66 35.56 4.37
CA HIS L 28 31.95 35.25 4.97
C HIS L 28 31.83 34.77 6.43
N LEU L 29 32.48 33.67 6.78
CA LEU L 29 32.34 33.20 8.17
C LEU L 29 33.18 34.08 9.08
N GLU L 30 32.57 34.88 9.93
CA GLU L 30 33.52 35.58 10.81
C GLU L 30 33.88 34.76 12.04
N ASN L 31 32.94 34.01 12.58
CA ASN L 31 33.24 33.12 13.70
C ASN L 31 32.10 32.15 13.94
N CYS L 32 32.45 31.12 14.71
CA CYS L 32 31.61 30.00 15.05
C CYS L 32 32.03 29.41 16.37
N ASP L 33 31.13 28.63 16.95
CA ASP L 33 31.42 27.93 18.17
C ASP L 33 31.11 26.45 17.99
N ASN L 34 31.27 25.70 19.08
CA ASN L 34 31.05 24.27 19.10
C ASN L 34 29.58 23.84 19.09
N TYR L 35 28.64 24.77 19.22
CA TYR L 35 27.22 24.53 19.00
C TYR L 35 26.82 24.57 17.53
N MET L 36 27.72 25.05 16.65
CA MET L 36 27.53 25.41 15.22
C MET L 36 26.81 26.74 15.04
N ASN L 37 26.69 27.52 16.10
CA ASN L 37 26.32 28.91 15.88
C ASN L 37 27.35 29.58 15.00
N LEU L 38 26.90 30.45 14.12
CA LEU L 38 27.80 31.16 13.21
C LEU L 38 27.48 32.64 13.34
N THR L 39 28.48 33.52 13.28
CA THR L 39 28.19 34.91 12.94
C THR L 39 28.95 35.15 11.64
N LEU L 40 28.21 35.59 10.58
CA LEU L 40 28.72 35.87 9.23
C LEU L 40 28.61 37.34 8.83
N ARG L 41 29.49 37.73 7.92
CA ARG L 41 29.56 39.10 7.42
C ARG L 41 29.34 39.14 5.92
N GLU L 42 28.69 40.22 5.51
CA GLU L 42 28.31 40.55 4.14
C GLU L 42 27.57 39.40 3.44
N VAL L 43 26.30 39.25 3.84
CA VAL L 43 25.56 38.03 3.52
C VAL L 43 24.43 38.40 2.56
N ILE L 44 24.13 37.46 1.66
CA ILE L 44 22.91 37.49 0.88
C ILE L 44 22.06 36.32 1.34
N ARG L 45 20.87 36.62 1.85
CA ARG L 45 19.88 35.63 2.26
C ARG L 45 18.79 35.48 1.19
N THR L 46 18.51 34.24 0.83
CA THR L 46 17.51 33.88 -0.17
C THR L 46 16.36 33.15 0.51
N MET L 47 15.14 33.66 0.29
CA MET L 47 13.95 33.08 0.88
C MET L 47 13.64 31.73 0.24
N PRO L 48 12.85 30.88 0.92
CA PRO L 48 12.68 29.48 0.46
C PRO L 48 12.20 29.28 -0.99
N ASP L 49 11.31 30.11 -1.52
CA ASP L 49 10.79 29.88 -2.87
C ASP L 49 11.65 30.51 -3.97
N GLY L 50 12.86 30.95 -3.64
CA GLY L 50 13.68 31.72 -4.54
C GLY L 50 13.02 33.00 -5.02
N ASP L 51 12.02 33.48 -4.28
CA ASP L 51 11.20 34.61 -4.74
C ASP L 51 11.91 35.91 -4.42
N LYS L 52 12.35 36.06 -3.16
CA LYS L 52 12.76 37.32 -2.58
C LYS L 52 14.15 37.14 -1.97
N PHE L 53 14.90 38.23 -1.95
CA PHE L 53 16.30 38.23 -1.57
C PHE L 53 16.53 39.42 -0.68
N PHE L 54 17.33 39.21 0.35
CA PHE L 54 17.67 40.29 1.24
C PHE L 54 19.18 40.42 1.33
N ARG L 55 19.59 41.67 1.54
CA ARG L 55 20.96 42.04 1.82
C ARG L 55 21.11 42.27 3.30
N LEU L 56 22.09 41.62 3.90
CA LEU L 56 22.31 41.77 5.33
C LEU L 56 23.74 42.21 5.55
N PRO L 57 23.97 43.31 6.29
CA PRO L 57 25.34 43.69 6.62
C PRO L 57 26.07 42.61 7.40
N GLU L 58 25.36 41.89 8.25
CA GLU L 58 25.94 40.84 9.07
C GLU L 58 24.80 40.04 9.67
N CYS L 59 25.08 38.81 10.13
CA CYS L 59 23.96 38.11 10.75
C CYS L 59 24.52 36.95 11.58
N TYR L 60 23.71 36.49 12.53
CA TYR L 60 24.01 35.37 13.44
C TYR L 60 23.03 34.23 13.19
N ILE L 61 23.53 32.98 13.12
CA ILE L 61 22.67 31.83 12.83
C ILE L 61 22.83 30.84 13.96
N ARG L 62 21.72 30.53 14.62
CA ARG L 62 21.68 29.51 15.64
C ARG L 62 21.88 28.16 14.97
N GLY L 63 22.80 27.37 15.48
CA GLY L 63 23.09 26.12 14.82
C GLY L 63 21.90 25.17 14.77
N ASN L 64 21.01 25.20 15.77
CA ASN L 64 19.89 24.28 15.77
C ASN L 64 18.95 24.41 14.57
N ASN L 65 19.05 25.48 13.79
CA ASN L 65 18.15 25.61 12.66
C ASN L 65 18.85 25.27 11.36
N ILE L 66 20.12 24.87 11.43
CA ILE L 66 20.91 24.61 10.23
C ILE L 66 20.69 23.18 9.74
N LYS L 67 20.50 23.04 8.44
CA LYS L 67 20.56 21.73 7.81
C LYS L 67 21.98 21.43 7.36
N TYR L 68 22.61 22.34 6.58
CA TYR L 68 23.98 22.06 6.15
C TYR L 68 24.74 23.33 5.78
N LEU L 69 26.08 23.16 5.68
CA LEU L 69 27.02 24.18 5.24
C LEU L 69 27.84 23.69 4.04
N ARG L 70 28.17 24.64 3.17
CA ARG L 70 29.02 24.41 2.01
C ARG L 70 30.28 25.23 2.15
N ILE L 71 31.43 24.57 1.88
CA ILE L 71 32.76 25.06 2.19
C ILE L 71 33.65 24.86 0.97
N GLN L 72 34.58 25.80 0.75
CA GLN L 72 35.42 25.69 -0.43
C GLN L 72 36.32 24.49 -0.31
N ASP L 73 36.67 23.87 -1.46
CA ASP L 73 37.50 22.67 -1.40
C ASP L 73 38.90 22.97 -0.82
N GLU L 74 39.43 24.18 -1.07
CA GLU L 74 40.78 24.51 -0.61
C GLU L 74 40.85 24.63 0.90
N VAL L 75 39.76 24.99 1.58
CA VAL L 75 39.80 25.03 3.04
C VAL L 75 40.09 23.63 3.55
N LEU L 76 39.34 22.63 3.05
CA LEU L 76 39.58 21.24 3.44
C LEU L 76 40.99 20.80 3.04
N SER L 77 41.45 21.18 1.83
CA SER L 77 42.81 20.85 1.42
C SER L 77 43.84 21.42 2.38
N GLN L 78 43.68 22.69 2.77
CA GLN L 78 44.63 23.35 3.67
C GLN L 78 44.66 22.64 5.01
N VAL L 79 43.48 22.32 5.56
CA VAL L 79 43.41 21.69 6.87
C VAL L 79 44.03 20.29 6.84
N ALA L 80 43.72 19.51 5.80
CA ALA L 80 44.32 18.18 5.69
C ALA L 80 45.83 18.29 5.56
N LYS L 81 46.32 19.24 4.75
CA LYS L 81 47.77 19.38 4.57
C LYS L 81 48.48 19.80 5.85
N GLN L 82 47.89 20.74 6.61
CA GLN L 82 48.57 21.22 7.83
C GLN L 82 48.61 20.15 8.92
N GLN L 83 47.54 19.38 9.09
CA GLN L 83 47.56 18.30 10.09
C GLN L 83 48.39 17.11 9.66
N ALA L 84 48.47 16.82 8.38
CA ALA L 84 49.31 15.72 7.93
C ALA L 84 50.78 16.06 8.01
N GLN L 85 51.12 17.33 8.01
CA GLN L 85 52.49 17.68 8.38
C GLN L 85 52.58 17.69 9.91
N GLN L 86 51.48 18.07 10.59
CA GLN L 86 51.39 18.08 12.05
C GLN L 86 51.59 16.67 12.62
N ARG L 87 51.25 15.64 11.84
CA ARG L 87 51.55 14.28 12.27
C ARG L 87 53.04 14.15 12.56
N GLU L 88 53.89 14.86 11.80
CA GLU L 88 55.32 14.91 12.06
C GLU L 88 55.78 16.33 12.43
N THR M 4 22.10 48.32 30.67
CA THR M 4 21.15 47.35 30.09
C THR M 4 20.01 46.97 31.02
N ILE M 5 19.25 45.97 30.57
CA ILE M 5 18.08 45.47 31.29
C ILE M 5 18.13 43.96 31.13
N LEU M 6 17.68 43.25 32.17
CA LEU M 6 17.76 41.79 32.19
C LEU M 6 16.41 41.12 32.01
N PRO M 7 16.28 40.26 30.98
CA PRO M 7 14.98 39.61 30.71
C PRO M 7 14.30 38.98 31.91
N LEU M 8 15.00 38.11 32.64
CA LEU M 8 14.35 37.39 33.74
C LEU M 8 14.06 38.29 34.93
N GLU M 9 14.82 39.37 35.12
CA GLU M 9 14.48 40.29 36.22
C GLU M 9 13.23 41.10 35.88
N LEU M 10 13.08 41.48 34.61
CA LEU M 10 11.86 42.18 34.20
C LEU M 10 10.64 41.28 34.33
N ILE M 11 10.73 40.04 33.86
CA ILE M 11 9.58 39.16 33.98
C ILE M 11 9.28 38.86 35.45
N ASP M 12 10.32 38.67 36.28
CA ASP M 12 10.06 38.45 37.70
C ASP M 12 9.30 39.66 38.23
N LYS M 13 9.66 40.87 37.76
CA LYS M 13 8.87 42.06 38.05
C LYS M 13 7.43 41.90 37.57
N CYS M 14 7.20 41.03 36.58
CA CYS M 14 5.87 40.88 35.98
C CYS M 14 4.95 39.96 36.76
N ILE M 15 5.45 39.31 37.82
CA ILE M 15 4.61 38.40 38.59
C ILE M 15 3.44 39.19 39.18
N GLY M 16 2.21 38.65 39.07
CA GLY M 16 1.02 39.34 39.53
C GLY M 16 0.37 40.34 38.60
N SER M 17 1.03 40.73 37.53
CA SER M 17 0.52 41.68 36.56
C SER M 17 0.03 40.94 35.32
N ASN M 18 -0.69 41.63 34.42
CA ASN M 18 -1.18 40.94 33.23
C ASN M 18 -0.04 40.72 32.25
N LEU M 19 0.03 39.50 31.74
CA LEU M 19 1.08 39.07 30.83
C LEU M 19 0.45 38.46 29.58
N TRP M 20 1.07 38.73 28.45
CA TRP M 20 0.67 38.18 27.17
C TRP M 20 1.83 37.29 26.73
N VAL M 21 1.55 36.02 26.43
CA VAL M 21 2.58 35.07 26.05
C VAL M 21 2.19 34.59 24.67
N ILE M 22 3.15 34.60 23.76
CA ILE M 22 2.91 34.23 22.39
C ILE M 22 3.80 33.07 22.06
N MET M 23 3.21 31.96 21.62
CA MET M 23 3.94 30.74 21.35
C MET M 23 4.54 30.70 19.96
N LYS M 24 5.42 29.71 19.79
CA LYS M 24 5.97 29.44 18.48
C LYS M 24 4.84 28.97 17.58
N SER M 25 3.89 28.23 18.13
CA SER M 25 2.71 27.91 17.36
C SER M 25 1.88 29.17 17.15
N GLU M 26 0.86 29.08 16.30
CA GLU M 26 0.02 30.24 16.09
C GLU M 26 -1.05 30.21 17.17
N ARG M 27 -0.58 30.37 18.40
CA ARG M 27 -1.42 30.37 19.59
C ARG M 27 -0.85 31.43 20.54
N GLU M 28 -1.75 32.11 21.21
CA GLU M 28 -1.35 33.08 22.23
C GLU M 28 -2.22 32.91 23.46
N PHE M 29 -1.69 33.34 24.59
CA PHE M 29 -2.44 33.32 25.82
C PHE M 29 -2.27 34.70 26.45
N ALA M 30 -3.32 35.19 27.09
CA ALA M 30 -3.22 36.46 27.81
C ALA M 30 -3.90 36.23 29.14
N GLY M 31 -3.18 36.49 30.22
CA GLY M 31 -3.75 36.26 31.53
C GLY M 31 -2.92 36.94 32.58
N THR M 32 -3.22 36.63 33.83
CA THR M 32 -2.53 37.21 34.97
C THR M 32 -1.44 36.22 35.39
N LEU M 33 -0.19 36.68 35.40
CA LEU M 33 0.95 35.81 35.69
C LEU M 33 1.02 35.45 37.18
N VAL M 34 1.06 34.15 37.45
CA VAL M 34 1.12 33.62 38.81
C VAL M 34 2.52 33.19 39.22
N GLY M 35 3.29 32.59 38.31
CA GLY M 35 4.58 32.09 38.76
C GLY M 35 5.28 31.26 37.71
N PHE M 36 6.49 30.83 38.04
CA PHE M 36 7.33 30.11 37.08
C PHE M 36 8.43 29.30 37.74
N ASN M 41 8.29 26.90 32.19
CA ASN M 41 6.92 26.53 32.59
C ASN M 41 6.23 27.68 33.33
N ILE M 42 5.03 28.12 32.89
CA ILE M 42 4.39 29.27 33.54
C ILE M 42 3.06 28.88 34.18
N VAL M 43 2.73 29.56 35.29
CA VAL M 43 1.40 29.43 35.88
C VAL M 43 0.71 30.75 35.57
N LEU M 44 -0.46 30.69 34.87
CA LEU M 44 -1.30 31.85 34.53
C LEU M 44 -2.70 31.72 35.13
N LYS M 45 -3.27 32.87 35.55
CA LYS M 45 -4.64 32.94 36.06
C LYS M 45 -5.53 33.77 35.17
N ASP M 46 -6.81 33.38 35.13
CA ASP M 46 -7.85 34.06 34.36
C ASP M 46 -7.35 34.34 32.95
N VAL M 47 -7.12 33.27 32.23
CA VAL M 47 -6.42 33.34 30.95
C VAL M 47 -7.44 33.21 29.84
N THR M 48 -7.22 33.97 28.78
CA THR M 48 -7.93 33.79 27.52
C THR M 48 -6.91 33.25 26.51
N GLU M 49 -7.23 32.09 25.93
CA GLU M 49 -6.45 31.43 24.89
C GLU M 49 -7.00 31.78 23.51
N TYR M 50 -6.09 32.22 22.64
CA TYR M 50 -6.39 32.64 21.28
C TYR M 50 -5.70 31.69 20.31
N ASP M 51 -6.50 30.99 19.49
CA ASP M 51 -5.99 30.30 18.31
C ASP M 51 -5.98 31.34 17.19
N THR M 52 -4.79 31.79 16.76
CA THR M 52 -4.74 32.91 15.83
C THR M 52 -5.09 32.60 14.37
N VAL M 53 -5.19 31.34 13.96
CA VAL M 53 -5.72 31.05 12.62
C VAL M 53 -7.25 30.87 12.67
N THR M 54 -7.74 29.87 13.39
CA THR M 54 -9.19 29.66 13.44
C THR M 54 -9.93 30.77 14.16
N GLY M 55 -9.25 31.57 14.97
CA GLY M 55 -9.95 32.61 15.71
C GLY M 55 -10.70 32.12 16.95
N VAL M 56 -10.69 30.81 17.24
CA VAL M 56 -11.45 30.33 18.38
C VAL M 56 -10.79 30.76 19.69
N THR M 57 -11.59 31.29 20.60
CA THR M 57 -11.06 31.70 21.89
C THR M 57 -11.72 30.92 23.01
N GLU M 58 -10.94 30.57 24.04
CA GLU M 58 -11.52 29.92 25.20
C GLU M 58 -10.77 30.41 26.43
N LYS M 59 -11.48 30.54 27.55
CA LYS M 59 -10.90 30.98 28.82
C LYS M 59 -10.77 29.82 29.80
N HIS M 60 -9.82 29.98 30.71
CA HIS M 60 -9.48 29.03 31.75
C HIS M 60 -9.22 29.81 33.02
N SER M 61 -9.66 29.27 34.16
CA SER M 61 -9.43 29.94 35.43
C SER M 61 -7.96 29.91 35.81
N GLU M 62 -7.27 28.80 35.59
CA GLU M 62 -5.86 28.74 35.89
C GLU M 62 -5.23 27.56 35.19
N MET M 63 -4.03 27.78 34.68
CA MET M 63 -3.40 26.73 33.92
C MET M 63 -1.89 26.88 34.00
N LEU M 64 -1.22 25.73 33.94
CA LEU M 64 0.22 25.66 33.76
C LEU M 64 0.46 25.52 32.25
N LEU M 65 1.08 26.53 31.68
CA LEU M 65 1.39 26.62 30.27
C LEU M 65 2.84 26.18 30.07
N ASN M 66 3.05 25.08 29.31
CA ASN M 66 4.39 24.56 29.08
C ASN M 66 5.28 25.59 28.40
N GLY M 67 6.49 25.77 28.96
CA GLY M 67 7.41 26.78 28.47
C GLY M 67 8.20 26.42 27.23
N ASN M 68 8.26 25.14 26.88
CA ASN M 68 9.15 24.72 25.79
C ASN M 68 8.77 25.39 24.47
N GLY M 69 7.48 25.63 24.26
CA GLY M 69 6.95 26.20 23.03
C GLY M 69 6.68 27.69 23.03
N MET M 70 7.10 28.44 24.05
CA MET M 70 6.84 29.87 24.11
C MET M 70 7.91 30.67 23.37
N CYS M 71 7.45 31.66 22.61
CA CYS M 71 8.36 32.52 21.87
C CYS M 71 8.70 33.81 22.60
N MET M 72 7.69 34.57 23.01
CA MET M 72 7.92 35.91 23.56
C MET M 72 6.94 36.19 24.68
N LEU M 73 7.41 36.94 25.68
CA LEU M 73 6.58 37.43 26.78
C LEU M 73 6.51 38.94 26.78
N ILE M 74 5.29 39.47 26.85
CA ILE M 74 5.00 40.89 26.78
C ILE M 74 4.17 41.25 28.00
N PRO M 75 4.72 41.99 28.97
CA PRO M 75 3.99 42.57 30.12
C PRO M 75 2.77 43.38 29.69
N ASN N 8 5.05 26.91 42.73
CA ASN N 8 4.24 25.89 42.06
C ASN N 8 3.15 25.35 42.98
N GLU N 9 2.64 26.20 43.89
CA GLU N 9 1.47 25.86 44.69
C GLU N 9 0.23 25.52 43.83
N PHE N 10 0.31 25.71 42.51
CA PHE N 10 -0.74 25.22 41.60
C PHE N 10 -0.97 23.73 41.81
N LEU N 11 0.13 22.97 41.93
CA LEU N 11 0.05 21.52 42.05
C LEU N 11 -0.91 21.12 43.17
N ASN N 12 -0.64 21.52 44.42
CA ASN N 12 -1.55 21.18 45.50
C ASN N 12 -3.00 21.53 45.16
N LYS N 13 -3.23 22.69 44.55
CA LYS N 13 -4.60 23.09 44.20
C LYS N 13 -5.23 22.18 43.14
N VAL N 14 -4.44 21.41 42.40
CA VAL N 14 -4.95 20.72 41.21
C VAL N 14 -4.77 19.21 41.35
N ILE N 15 -3.68 18.79 41.99
CA ILE N 15 -3.44 17.36 42.19
C ILE N 15 -4.60 16.76 42.96
N GLY N 16 -5.21 15.73 42.39
CA GLY N 16 -6.32 15.04 42.98
C GLY N 16 -7.68 15.53 42.55
N LYS N 17 -7.76 16.54 41.69
CA LYS N 17 -9.04 17.03 41.21
C LYS N 17 -9.07 16.87 39.70
N LYS N 18 -10.27 16.98 39.12
CA LYS N 18 -10.42 16.87 37.68
C LYS N 18 -9.76 18.03 36.94
N VAL N 19 -9.05 17.69 35.87
CA VAL N 19 -8.33 18.66 35.05
C VAL N 19 -8.62 18.39 33.59
N LEU N 20 -8.44 19.43 32.79
CA LEU N 20 -8.43 19.35 31.34
C LEU N 20 -7.00 19.57 30.87
N ILE N 21 -6.48 18.64 30.09
CA ILE N 21 -5.15 18.71 29.51
C ILE N 21 -5.34 18.95 28.04
N ARG N 22 -4.80 20.02 27.50
CA ARG N 22 -4.83 20.15 26.06
C ARG N 22 -3.43 19.90 25.57
N LEU N 23 -3.31 18.93 24.67
CA LEU N 23 -2.07 18.70 23.94
C LEU N 23 -1.99 19.63 22.74
N SER N 24 -0.74 19.89 22.33
CA SER N 24 -0.48 20.71 21.15
C SER N 24 -1.18 20.19 19.91
N SER N 25 -1.40 18.88 19.82
CA SER N 25 -2.14 18.33 18.67
C SER N 25 -3.52 18.89 18.59
N GLY N 26 -3.99 19.42 19.70
CA GLY N 26 -5.31 19.97 19.81
C GLY N 26 -6.24 18.98 20.50
N VAL N 27 -5.77 17.74 20.71
CA VAL N 27 -6.58 16.74 21.40
C VAL N 27 -6.60 17.05 22.88
N ASP N 28 -7.76 16.91 23.48
CA ASP N 28 -7.93 17.23 24.89
C ASP N 28 -8.16 15.95 25.67
N TYR N 29 -7.67 15.92 26.90
CA TYR N 29 -7.92 14.81 27.80
C TYR N 29 -8.47 15.38 29.09
N LYS N 30 -9.57 14.80 29.57
CA LYS N 30 -10.17 15.22 30.82
C LYS N 30 -10.17 14.06 31.80
N GLY N 31 -9.71 14.32 33.01
CA GLY N 31 -9.75 13.31 34.04
C GLY N 31 -9.15 13.91 35.27
N ILE N 32 -9.28 13.19 36.38
CA ILE N 32 -8.63 13.67 37.59
C ILE N 32 -7.14 13.41 37.47
N LEU N 33 -6.33 14.44 37.71
CA LEU N 33 -4.88 14.36 37.61
C LEU N 33 -4.33 13.75 38.89
N SER N 34 -3.80 12.53 38.79
CA SER N 34 -3.11 11.94 39.94
C SER N 34 -1.76 12.59 40.15
N CYS N 35 -0.99 12.76 39.10
CA CYS N 35 0.39 13.14 39.35
C CYS N 35 0.99 13.79 38.11
N LEU N 36 1.99 14.64 38.36
CA LEU N 36 2.72 15.42 37.37
C LEU N 36 4.17 15.53 37.80
N ASP N 37 5.05 15.78 36.84
CA ASP N 37 6.47 15.93 37.18
C ASP N 37 7.03 17.13 36.42
N GLY N 38 8.32 17.38 36.58
CA GLY N 38 8.92 18.59 36.03
C GLY N 38 8.88 18.72 34.52
N TYR N 39 8.98 17.60 33.80
CA TYR N 39 8.90 17.62 32.34
C TYR N 39 7.46 17.60 31.86
N MET N 40 6.51 17.72 32.80
CA MET N 40 5.08 17.67 32.54
C MET N 40 4.56 16.33 32.05
N ASN N 41 5.24 15.22 32.36
CA ASN N 41 4.58 13.93 32.24
C ASN N 41 3.41 13.84 33.22
N LEU N 42 2.29 13.28 32.79
CA LEU N 42 1.07 13.24 33.60
C LEU N 42 0.70 11.79 33.84
N ALA N 43 0.14 11.52 35.01
CA ALA N 43 -0.64 10.31 35.23
C ALA N 43 -2.05 10.73 35.65
N LEU N 44 -3.05 10.21 34.93
CA LEU N 44 -4.47 10.46 35.10
C LEU N 44 -5.21 9.20 35.49
N GLU N 45 -6.41 9.40 36.09
CA GLU N 45 -7.14 8.33 36.73
C GLU N 45 -8.35 7.82 35.95
N ARG N 46 -8.91 8.63 35.07
CA ARG N 46 -10.02 8.17 34.26
C ARG N 46 -10.13 9.17 33.15
N THR N 47 -9.34 8.96 32.12
CA THR N 47 -9.13 9.95 31.08
C THR N 47 -10.15 9.77 29.97
N GLU N 48 -10.72 10.87 29.53
CA GLU N 48 -11.58 10.93 28.35
C GLU N 48 -10.90 11.75 27.27
N GLU N 49 -10.91 11.24 26.04
CA GLU N 49 -10.23 11.91 24.95
C GLU N 49 -11.25 12.61 24.07
N TYR N 50 -10.93 13.84 23.65
CA TYR N 50 -11.83 14.66 22.85
C TYR N 50 -11.06 15.19 21.65
N VAL N 51 -11.57 14.91 20.45
CA VAL N 51 -10.99 15.42 19.20
C VAL N 51 -12.00 16.21 18.39
N ASN N 52 -11.59 17.39 17.92
CA ASN N 52 -12.50 18.41 17.39
C ASN N 52 -13.68 18.69 18.32
N GLY N 53 -13.58 18.24 19.58
CA GLY N 53 -14.57 18.46 20.60
C GLY N 53 -15.43 17.24 20.89
N LYS N 54 -15.28 16.15 20.12
CA LYS N 54 -16.15 14.98 20.23
C LYS N 54 -15.42 13.97 21.11
N LYS N 55 -16.13 13.30 22.03
CA LYS N 55 -15.50 12.19 22.77
C LYS N 55 -15.23 10.98 21.89
N THR N 56 -13.96 10.58 21.79
CA THR N 56 -13.53 9.47 20.95
C THR N 56 -13.02 8.26 21.73
N ASN N 57 -12.44 8.45 22.91
CA ASN N 57 -11.94 7.34 23.73
C ASN N 57 -11.97 7.71 25.21
N VAL N 58 -12.11 6.69 26.07
CA VAL N 58 -11.98 6.85 27.51
C VAL N 58 -11.02 5.77 27.99
N TYR N 59 -10.00 6.19 28.73
CA TYR N 59 -8.98 5.30 29.26
C TYR N 59 -9.10 5.22 30.78
N GLY N 60 -8.90 4.02 31.33
CA GLY N 60 -9.04 3.80 32.75
C GLY N 60 -7.90 4.35 33.58
N ASP N 61 -6.74 4.55 32.95
CA ASP N 61 -5.54 5.13 33.53
C ASP N 61 -4.79 5.70 32.35
N ALA N 62 -4.06 6.78 32.58
CA ALA N 62 -3.30 7.24 31.43
C ALA N 62 -2.00 7.82 31.91
N PHE N 63 -0.94 7.45 31.22
CA PHE N 63 0.32 8.15 31.30
C PHE N 63 0.40 9.02 30.07
N ILE N 64 0.62 10.32 30.25
CA ILE N 64 0.78 11.21 29.12
C ILE N 64 2.22 11.71 29.15
N ARG N 65 2.89 11.62 28.01
CA ARG N 65 4.27 12.03 27.91
C ARG N 65 4.30 13.55 27.84
N GLY N 66 5.15 14.16 28.65
CA GLY N 66 5.00 15.59 28.87
C GLY N 66 5.28 16.44 27.65
N ASN N 67 6.10 15.94 26.72
CA ASN N 67 6.46 16.71 25.55
C ASN N 67 5.25 17.08 24.72
N ASN N 68 4.13 16.36 24.86
CA ASN N 68 2.93 16.64 24.11
C ASN N 68 2.01 17.66 24.78
N VAL N 69 2.19 17.94 26.07
CA VAL N 69 1.24 18.76 26.81
C VAL N 69 1.45 20.25 26.51
N LEU N 70 0.40 20.92 26.03
CA LEU N 70 0.36 22.37 25.88
C LEU N 70 -0.07 23.02 27.19
N TYR N 71 -1.12 22.51 27.82
CA TYR N 71 -1.40 23.03 29.15
C TYR N 71 -2.21 22.02 29.97
N VAL N 72 -2.19 22.27 31.27
CA VAL N 72 -3.04 21.61 32.26
C VAL N 72 -3.90 22.73 32.85
N SER N 73 -5.21 22.63 32.70
CA SER N 73 -6.09 23.66 33.20
C SER N 73 -7.12 23.10 34.17
N ALA N 74 -7.29 23.83 35.27
CA ALA N 74 -8.19 23.39 36.31
C ALA N 74 -9.60 23.72 35.86
N LEU N 75 -10.56 22.91 36.26
CA LEU N 75 -11.94 23.16 35.84
C LEU N 75 -12.83 23.39 37.07
N SER O 24 29.43 34.01 24.91
CA SER O 24 28.53 34.31 23.80
C SER O 24 29.30 34.89 22.61
N ILE O 25 29.17 34.24 21.44
CA ILE O 25 29.90 34.67 20.25
C ILE O 25 29.21 35.96 19.76
N LEU O 26 28.15 36.37 20.45
CA LEU O 26 27.54 37.68 20.18
C LEU O 26 27.28 38.56 21.40
N TYR O 31 25.43 45.82 19.79
CA TYR O 31 24.06 46.05 19.34
C TYR O 31 23.16 46.81 20.27
N GLN O 32 23.65 47.19 21.44
CA GLN O 32 22.75 47.77 22.44
C GLN O 32 22.10 49.07 21.99
N ASP O 33 20.78 49.12 22.18
CA ASP O 33 19.91 50.23 21.78
C ASP O 33 19.87 50.47 20.28
N GLN O 34 20.43 49.55 19.48
CA GLN O 34 20.30 49.61 18.04
C GLN O 34 19.17 48.67 17.67
N ARG O 35 18.54 48.94 16.53
CA ARG O 35 17.42 48.14 16.06
C ARG O 35 17.91 46.90 15.33
N ILE O 36 17.36 45.77 15.73
CA ILE O 36 17.73 44.48 15.19
C ILE O 36 16.48 43.80 14.66
N GLN O 37 16.69 42.82 13.79
CA GLN O 37 15.63 41.95 13.36
C GLN O 37 15.92 40.52 13.79
N ALA O 38 14.87 39.79 14.17
CA ALA O 38 15.02 38.43 14.65
C ALA O 38 13.89 37.59 14.06
N THR O 39 14.19 36.30 13.80
CA THR O 39 13.23 35.34 13.25
C THR O 39 13.29 34.10 14.14
N PHE O 40 12.12 33.53 14.38
CA PHE O 40 11.89 32.48 15.35
C PHE O 40 11.54 31.13 14.75
N THR O 41 11.86 30.10 15.52
CA THR O 41 11.38 28.78 15.16
C THR O 41 9.86 28.83 15.14
N GLY O 42 9.28 28.29 14.07
CA GLY O 42 7.86 28.43 13.82
C GLY O 42 7.52 29.45 12.76
N GLY O 43 8.48 30.30 12.37
CA GLY O 43 8.34 31.21 11.25
C GLY O 43 8.21 32.65 11.67
N ARG O 44 7.77 32.90 12.91
CA ARG O 44 7.52 34.25 13.39
C ARG O 44 8.72 35.15 13.21
N GLN O 45 8.45 36.42 12.87
CA GLN O 45 9.49 37.39 12.52
C GLN O 45 9.19 38.75 13.13
N ILE O 46 10.18 39.35 13.83
CA ILE O 46 9.99 40.62 14.52
C ILE O 46 11.19 41.54 14.31
N THR O 47 10.99 42.86 14.54
CA THR O 47 12.08 43.83 14.70
C THR O 47 11.89 44.63 15.99
N GLY O 48 12.97 45.24 16.47
CA GLY O 48 12.88 46.02 17.70
C GLY O 48 14.23 46.56 18.14
N ILE O 49 14.18 47.48 19.11
CA ILE O 49 15.37 48.14 19.63
C ILE O 49 15.95 47.24 20.73
N LEU O 50 17.20 46.78 20.54
CA LEU O 50 17.88 45.94 21.52
C LEU O 50 18.13 46.71 22.79
N LYS O 51 17.46 46.38 23.90
CA LYS O 51 17.73 47.09 25.13
C LYS O 51 18.38 46.24 26.22
N GLY O 52 18.38 44.92 26.07
CA GLY O 52 19.16 44.08 26.97
C GLY O 52 19.21 42.65 26.47
N PHE O 53 20.00 41.84 27.17
CA PHE O 53 20.17 40.43 26.86
C PHE O 53 20.81 39.73 28.05
N ASP O 54 20.75 38.42 28.06
CA ASP O 54 21.56 37.71 29.04
C ASP O 54 22.36 36.63 28.31
N GLN O 55 23.06 35.78 29.04
CA GLN O 55 24.03 34.92 28.35
C GLN O 55 23.38 33.75 27.64
N LEU O 56 22.23 33.28 28.12
CA LEU O 56 21.50 32.29 27.32
C LEU O 56 20.85 32.90 26.09
N MET O 57 21.04 34.21 25.90
CA MET O 57 20.55 34.99 24.78
C MET O 57 19.06 35.24 24.83
N ASN O 58 18.45 35.17 26.02
CA ASN O 58 17.17 35.84 26.11
C ASN O 58 17.42 37.33 25.84
N LEU O 59 16.46 37.99 25.20
CA LEU O 59 16.59 39.38 24.80
C LEU O 59 15.44 40.22 25.34
N VAL O 60 15.71 41.50 25.60
CA VAL O 60 14.68 42.52 25.83
C VAL O 60 14.74 43.50 24.66
N LEU O 61 13.64 43.55 23.91
CA LEU O 61 13.49 44.41 22.75
C LEU O 61 12.38 45.42 23.03
N ASP O 62 12.58 46.66 22.60
CA ASP O 62 11.54 47.65 22.76
C ASP O 62 10.99 48.08 21.40
N ASP O 63 9.78 48.62 21.45
CA ASP O 63 9.01 49.11 20.30
C ASP O 63 8.92 48.07 19.19
N VAL O 64 8.73 46.82 19.60
CA VAL O 64 8.70 45.72 18.66
C VAL O 64 7.41 45.72 17.88
N GLU O 65 7.51 45.44 16.59
CA GLU O 65 6.36 45.17 15.78
C GLU O 65 6.71 43.90 15.01
N GLU O 66 5.81 42.90 15.02
CA GLU O 66 5.99 41.65 14.28
C GLU O 66 5.38 41.72 12.88
N GLN O 67 6.18 41.31 11.88
CA GLN O 67 5.68 41.21 10.51
C GLN O 67 4.96 39.88 10.29
N LEU O 68 3.66 39.99 10.04
CA LEU O 68 2.72 38.89 9.95
C LEU O 68 2.80 38.15 8.60
N ARG O 69 2.28 36.93 8.58
CA ARG O 69 2.23 36.11 7.37
C ARG O 69 0.75 35.75 7.22
N ALA O 79 1.49 42.80 6.07
CA ALA O 79 0.76 43.37 7.19
C ALA O 79 1.50 43.11 8.51
N ILE O 80 1.40 44.04 9.47
CA ILE O 80 2.10 43.97 10.74
C ILE O 80 1.19 44.49 11.86
N ARG O 81 1.50 44.09 13.12
CA ARG O 81 1.03 44.77 14.33
C ARG O 81 2.17 45.01 15.31
N LYS O 82 2.02 46.08 16.15
CA LYS O 82 3.05 46.51 17.10
C LYS O 82 2.62 46.07 18.49
N LEU O 83 3.54 45.34 19.09
CA LEU O 83 3.47 44.67 20.38
C LEU O 83 4.32 45.37 21.42
N GLY O 84 5.07 46.37 21.01
CA GLY O 84 5.83 47.13 21.95
C GLY O 84 7.04 46.44 22.46
N LEU O 85 7.18 46.55 23.75
CA LEU O 85 8.31 46.06 24.47
C LEU O 85 8.06 44.64 24.95
N VAL O 86 8.94 43.74 24.45
CA VAL O 86 8.89 42.29 24.57
C VAL O 86 10.23 41.75 25.09
N VAL O 87 10.15 40.67 25.84
CA VAL O 87 11.29 39.80 26.14
C VAL O 87 11.17 38.56 25.27
N VAL O 88 12.23 38.24 24.50
CA VAL O 88 12.34 37.04 23.66
C VAL O 88 13.18 35.96 24.34
N ARG O 89 12.75 34.70 24.24
CA ARG O 89 13.48 33.58 24.82
C ARG O 89 14.52 33.09 23.81
N GLY O 90 15.81 33.11 24.23
CA GLY O 90 16.90 32.82 23.29
C GLY O 90 16.83 31.47 22.62
N THR O 91 16.21 30.48 23.28
CA THR O 91 16.15 29.13 22.73
C THR O 91 15.30 29.05 21.45
N THR O 92 14.44 30.06 21.20
CA THR O 92 13.55 30.08 20.05
C THR O 92 14.07 30.88 18.85
N LEU O 93 15.20 31.57 19.02
CA LEU O 93 15.83 32.35 17.96
C LEU O 93 16.43 31.44 16.88
N VAL O 94 16.28 31.82 15.61
CA VAL O 94 17.11 31.24 14.56
C VAL O 94 18.14 32.24 14.03
N LEU O 95 17.77 33.51 13.82
CA LEU O 95 18.68 34.48 13.23
C LEU O 95 18.51 35.87 13.84
N ILE O 96 19.60 36.58 14.10
CA ILE O 96 19.52 37.98 14.51
C ILE O 96 20.45 38.81 13.64
N ALA O 97 19.91 39.85 13.04
CA ALA O 97 20.68 40.77 12.22
C ALA O 97 20.19 42.18 12.48
N PRO O 98 21.07 43.17 12.32
CA PRO O 98 20.66 44.56 12.44
C PRO O 98 19.88 45.06 11.23
N MET O 99 18.96 45.98 11.52
CA MET O 99 18.17 46.61 10.49
C MET O 99 18.91 47.70 9.75
N ASP O 100 19.87 48.32 10.40
CA ASP O 100 20.46 49.43 9.69
C ASP O 100 21.38 48.84 8.61
N GLY O 101 21.07 49.13 7.36
CA GLY O 101 21.81 48.61 6.23
C GLY O 101 21.42 47.25 5.68
N SER O 102 20.55 46.48 6.35
CA SER O 102 20.05 45.25 5.74
C SER O 102 18.81 45.66 5.00
N GLU O 103 18.68 45.30 3.72
CA GLU O 103 17.48 45.69 3.00
C GLU O 103 17.35 44.69 1.85
N GLU O 104 16.14 44.56 1.28
CA GLU O 104 15.90 43.70 0.09
C GLU O 104 16.59 44.10 -1.23
N ILE O 105 17.07 43.07 -1.95
CA ILE O 105 17.78 43.05 -3.24
C ILE O 105 17.08 42.08 -4.19
N PRO O 106 17.26 42.23 -5.54
CA PRO O 106 16.77 41.17 -6.45
C PRO O 106 17.64 39.90 -6.43
N MET P 1 32.60 6.26 16.29
CA MET P 1 31.37 5.57 15.94
C MET P 1 31.55 4.50 14.85
N SER P 2 30.47 3.78 14.57
CA SER P 2 30.41 2.90 13.42
C SER P 2 30.77 3.65 12.15
N LEU P 3 30.59 4.98 12.14
CA LEU P 3 30.99 5.80 11.00
C LEU P 3 32.49 5.79 10.76
N ALA P 4 33.29 5.51 11.78
CA ALA P 4 34.69 5.30 11.49
C ALA P 4 34.87 4.17 10.47
N ASP P 5 33.94 3.21 10.43
CA ASP P 5 34.00 2.14 9.42
C ASP P 5 33.85 2.64 8.00
N PHE P 6 33.18 3.79 7.80
CA PHE P 6 32.94 4.28 6.44
C PHE P 6 33.93 5.36 6.01
N MET P 7 34.85 5.75 6.89
CA MET P 7 35.73 6.88 6.64
C MET P 7 36.60 6.71 5.40
N GLU P 8 36.75 7.83 4.68
CA GLU P 8 37.58 7.98 3.49
C GLU P 8 37.08 7.12 2.33
N GLN P 9 35.81 6.71 2.38
CA GLN P 9 35.21 5.93 1.32
C GLN P 9 33.97 6.64 0.80
N ARG P 10 33.52 6.29 -0.41
CA ARG P 10 32.29 6.87 -0.92
C ARG P 10 31.10 6.37 -0.10
N VAL P 11 30.25 7.31 0.28
CA VAL P 11 29.18 7.11 1.24
C VAL P 11 27.98 7.87 0.70
N GLN P 12 26.78 7.43 1.05
CA GLN P 12 25.55 8.05 0.57
C GLN P 12 24.65 8.37 1.75
N VAL P 13 24.38 9.66 1.94
CA VAL P 13 23.64 10.14 3.10
C VAL P 13 22.21 10.38 2.66
N ILE P 14 21.26 9.87 3.44
CA ILE P 14 19.85 10.20 3.29
C ILE P 14 19.54 11.14 4.42
N THR P 15 19.07 12.33 4.08
CA THR P 15 18.79 13.34 5.09
C THR P 15 17.31 13.38 5.43
N ASN P 16 17.01 14.11 6.50
CA ASN P 16 15.64 14.16 7.01
C ASN P 16 14.69 14.89 6.07
N ASP P 17 15.19 15.75 5.18
CA ASP P 17 14.30 16.38 4.20
C ASP P 17 14.19 15.55 2.93
N GLY P 18 14.64 14.31 3.00
CA GLY P 18 14.45 13.31 1.95
C GLY P 18 15.48 13.30 0.84
N ARG P 19 16.53 14.10 0.95
CA ARG P 19 17.52 14.24 -0.11
C ARG P 19 18.63 13.19 0.02
N VAL P 20 19.27 12.90 -1.10
CA VAL P 20 20.32 11.88 -1.20
C VAL P 20 21.57 12.58 -1.66
N VAL P 21 22.60 12.58 -0.82
CA VAL P 21 23.85 13.23 -1.21
C VAL P 21 24.95 12.23 -0.95
N LEU P 22 25.82 12.07 -1.94
CA LEU P 22 26.91 11.11 -1.95
C LEU P 22 28.24 11.83 -1.81
N GLY P 23 29.19 11.23 -1.12
CA GLY P 23 30.51 11.81 -1.12
C GLY P 23 31.48 11.01 -0.27
N SER P 24 32.72 11.46 -0.27
CA SER P 24 33.74 10.78 0.52
C SER P 24 33.67 11.31 1.95
N LEU P 25 33.57 10.40 2.90
CA LEU P 25 33.44 10.80 4.29
C LEU P 25 34.82 11.22 4.77
N LYS P 26 35.01 12.50 5.08
CA LYS P 26 36.29 12.99 5.56
C LYS P 26 36.28 13.16 7.07
N GLY P 27 35.10 13.13 7.70
CA GLY P 27 35.02 13.17 9.14
C GLY P 27 33.61 13.25 9.69
N PHE P 28 33.47 12.95 10.98
CA PHE P 28 32.19 13.00 11.67
C PHE P 28 32.46 13.27 13.14
N ASP P 29 31.41 13.53 13.92
CA ASP P 29 31.62 13.63 15.35
C ASP P 29 30.48 12.94 16.10
N HIS P 30 30.53 13.03 17.43
CA HIS P 30 29.65 12.28 18.29
C HIS P 30 28.19 12.72 18.22
N THR P 31 27.87 13.83 17.55
CA THR P 31 26.48 14.18 17.27
C THR P 31 26.06 13.88 15.85
N THR P 32 26.93 13.25 15.06
CA THR P 32 26.77 12.91 13.63
C THR P 32 26.90 14.04 12.62
N ASN P 33 27.43 15.22 12.98
CA ASN P 33 27.91 16.12 11.94
C ASN P 33 28.83 15.35 11.00
N LEU P 34 28.77 15.67 9.71
CA LEU P 34 29.56 14.98 8.70
C LEU P 34 30.24 15.96 7.77
N ILE P 35 31.41 15.54 7.28
CA ILE P 35 32.06 16.18 6.14
C ILE P 35 32.00 15.21 4.97
N LEU P 36 31.44 15.66 3.84
CA LEU P 36 31.52 14.93 2.58
C LEU P 36 32.33 15.73 1.56
N SER P 37 33.23 15.08 0.84
CA SER P 37 33.96 15.73 -0.23
C SER P 37 33.69 15.04 -1.56
N ASP P 38 33.98 15.78 -2.63
CA ASP P 38 33.64 15.34 -3.99
C ASP P 38 32.21 14.85 -4.02
N SER P 39 31.35 15.58 -3.33
CA SER P 39 29.99 15.13 -3.14
C SER P 39 29.07 15.62 -4.24
N PHE P 40 27.94 14.93 -4.37
CA PHE P 40 26.90 15.35 -5.29
C PHE P 40 25.57 14.82 -4.78
N GLU P 41 24.49 15.51 -5.15
CA GLU P 41 23.15 15.07 -4.82
C GLU P 41 22.53 14.36 -6.01
N ARG P 42 21.73 13.36 -5.72
CA ARG P 42 20.94 12.67 -6.74
C ARG P 42 19.47 12.98 -6.47
N ILE P 43 18.78 13.43 -7.48
CA ILE P 43 17.34 13.67 -7.43
C ILE P 43 16.74 12.65 -8.37
N ILE P 44 16.26 11.58 -7.79
CA ILE P 44 15.46 10.54 -8.41
C ILE P 44 14.01 10.94 -8.38
N SER P 45 13.33 10.69 -9.49
CA SER P 45 11.93 11.05 -9.62
C SER P 45 11.20 9.90 -10.29
N MET P 46 9.89 10.05 -10.43
CA MET P 46 9.14 9.13 -11.25
C MET P 46 8.89 9.65 -12.64
N ASP P 47 8.78 10.98 -12.76
CA ASP P 47 8.36 11.56 -14.03
C ASP P 47 9.54 11.73 -14.98
N GLN P 48 10.72 11.99 -14.43
CA GLN P 48 11.88 12.33 -15.25
C GLN P 48 13.08 11.54 -14.74
N ASP P 49 14.06 11.43 -15.63
CA ASP P 49 15.30 10.76 -15.29
C ASP P 49 15.99 11.42 -14.11
N MET P 50 16.90 10.66 -13.52
CA MET P 50 17.63 11.11 -12.35
C MET P 50 18.53 12.29 -12.67
N GLU P 51 18.55 13.27 -11.75
CA GLU P 51 19.41 14.43 -11.81
C GLU P 51 20.60 14.23 -10.89
N THR P 52 21.77 14.72 -11.31
CA THR P 52 22.97 14.67 -10.50
C THR P 52 23.52 16.09 -10.40
N ILE P 53 23.58 16.64 -9.19
CA ILE P 53 24.07 18.00 -8.98
C ILE P 53 25.40 17.95 -8.24
N PRO P 54 26.51 18.49 -8.78
CA PRO P 54 27.75 18.52 -8.01
C PRO P 54 27.72 19.59 -6.93
N LEU P 55 28.20 19.23 -5.71
CA LEU P 55 28.21 20.10 -4.53
C LEU P 55 29.55 20.28 -3.84
N GLY P 56 30.56 19.49 -4.17
CA GLY P 56 31.90 19.71 -3.58
C GLY P 56 31.97 19.27 -2.14
N VAL P 57 32.59 20.09 -1.30
CA VAL P 57 32.68 19.77 0.12
C VAL P 57 31.44 20.30 0.82
N TYR P 58 30.83 19.42 1.60
CA TYR P 58 29.51 19.53 2.19
C TYR P 58 29.58 19.17 3.66
N LEU P 59 29.31 20.12 4.54
CA LEU P 59 29.21 19.79 5.96
C LEU P 59 27.74 19.63 6.32
N LEU P 60 27.38 18.44 6.78
CA LEU P 60 25.99 18.13 7.06
C LEU P 60 25.86 18.10 8.57
N ARG P 61 24.91 18.85 9.06
CA ARG P 61 24.67 18.89 10.48
C ARG P 61 23.94 17.64 10.94
N GLY P 62 24.42 17.04 12.03
CA GLY P 62 23.93 15.73 12.40
C GLY P 62 22.44 15.69 12.67
N GLU P 63 21.90 16.78 13.23
CA GLU P 63 20.46 16.93 13.42
C GLU P 63 19.66 16.57 12.18
N ASN P 64 20.28 16.68 11.00
CA ASN P 64 19.59 16.47 9.73
C ASN P 64 19.90 15.13 9.06
N VAL P 65 20.72 14.28 9.67
CA VAL P 65 21.12 13.01 9.07
C VAL P 65 20.20 11.91 9.58
N ALA P 66 19.54 11.21 8.66
CA ALA P 66 18.74 10.04 9.01
C ALA P 66 19.58 8.78 8.83
N MET P 67 20.22 8.61 7.66
CA MET P 67 20.95 7.36 7.42
C MET P 67 22.24 7.69 6.69
N VAL P 68 23.27 6.88 6.95
CA VAL P 68 24.51 6.91 6.16
C VAL P 68 24.87 5.50 5.66
N GLY P 69 24.79 5.26 4.35
CA GLY P 69 25.11 3.94 3.79
C GLY P 69 26.44 3.96 3.07
N LEU P 70 27.21 2.88 3.17
CA LEU P 70 28.48 2.78 2.45
C LEU P 70 28.16 2.17 1.08
N VAL P 71 28.49 2.91 0.01
CA VAL P 71 28.12 2.52 -1.36
C VAL P 71 29.09 1.51 -1.96
N ASN P 72 28.55 0.38 -2.43
CA ASN P 72 29.34 -0.69 -3.00
C ASN P 72 29.69 -0.46 -4.46
N GLU P 73 30.99 -0.28 -4.72
CA GLU P 73 31.44 0.18 -6.02
C GLU P 73 31.09 -0.81 -7.13
N GLU P 74 31.19 -2.11 -6.85
CA GLU P 74 30.87 -3.06 -7.90
C GLU P 74 29.37 -3.01 -8.20
N LEU P 75 28.55 -3.14 -7.15
CA LEU P 75 27.11 -3.01 -7.31
C LEU P 75 26.71 -1.69 -7.95
N ASP P 76 27.36 -0.58 -7.54
CA ASP P 76 27.01 0.72 -8.10
C ASP P 76 27.49 0.90 -9.54
N SER P 77 28.60 0.28 -9.92
CA SER P 77 29.04 0.33 -11.32
C SER P 77 28.05 -0.44 -12.20
N GLU P 78 27.44 -1.50 -11.65
CA GLU P 78 26.48 -2.33 -12.38
C GLU P 78 25.15 -1.61 -12.62
N ILE P 79 24.86 -0.53 -11.88
CA ILE P 79 23.56 0.17 -11.92
C ILE P 79 23.69 1.35 -12.88
N GLU P 80 22.69 1.55 -13.75
CA GLU P 80 22.64 2.75 -14.59
C GLU P 80 21.68 3.76 -13.97
N TRP P 81 22.24 4.60 -13.09
CA TRP P 81 21.44 5.54 -12.31
C TRP P 81 20.75 6.60 -13.19
N THR P 82 21.25 6.85 -14.40
CA THR P 82 20.64 7.85 -15.26
C THR P 82 19.19 7.51 -15.56
N LYS P 83 18.95 6.28 -16.01
CA LYS P 83 17.62 5.79 -16.34
C LYS P 83 16.87 5.19 -15.16
N ILE P 84 17.10 5.66 -13.93
CA ILE P 84 16.44 5.09 -12.75
C ILE P 84 15.32 6.01 -12.27
N ARG P 85 14.12 5.43 -12.02
CA ARG P 85 12.98 6.16 -11.52
C ARG P 85 12.51 5.54 -10.21
N GLY P 86 11.95 6.39 -9.35
CA GLY P 86 11.49 5.98 -8.02
C GLY P 86 10.76 7.12 -7.35
N GLU P 87 10.13 6.79 -6.22
CA GLU P 87 9.42 7.82 -5.48
C GLU P 87 10.41 8.57 -4.61
N ALA P 88 10.08 9.83 -4.32
CA ALA P 88 10.82 10.64 -3.36
C ALA P 88 10.82 10.01 -1.98
N ILE P 89 11.97 10.02 -1.33
CA ILE P 89 12.05 9.54 0.06
C ILE P 89 11.27 10.48 0.95
N PRO P 90 10.39 9.98 1.82
CA PRO P 90 9.57 10.90 2.62
C PRO P 90 10.40 11.64 3.66
N ASP P 91 9.87 12.78 4.13
CA ASP P 91 10.55 13.49 5.21
C ASP P 91 10.43 12.73 6.51
N VAL P 92 11.44 12.84 7.38
CA VAL P 92 11.26 12.38 8.75
C VAL P 92 10.27 13.30 9.43
N VAL P 93 9.23 12.73 10.04
CA VAL P 93 8.31 13.54 10.83
C VAL P 93 8.46 13.14 12.28
N HIS P 94 8.91 14.08 13.11
CA HIS P 94 9.10 13.78 14.52
C HIS P 94 7.82 13.88 15.31
#